data_6BCN
#
_entry.id   6BCN
#
_cell.length_a   42.650
_cell.length_b   64.020
_cell.length_c   168.976
_cell.angle_alpha   89.93
_cell.angle_beta   90.19
_cell.angle_gamma   93.64
#
_symmetry.space_group_name_H-M   'P 1'
#
loop_
_entity.id
_entity.type
_entity.pdbx_description
1 polymer 'Ribosomal protein 3/homing endonuclease-like fusion protein'
2 polymer 'DNA (26-MER)'
3 polymer 'DNA (26-MER)'
4 non-polymer 'CALCIUM ION'
5 water water
#
loop_
_entity_poly.entity_id
_entity_poly.type
_entity_poly.pdbx_seq_one_letter_code
_entity_poly.pdbx_strand_id
1 'polypeptide(L)'
;SYSTLANFPVQARNDNISPWTITGFADAESSFMLTVSKDSKRNTGWSVRPRFRIGLHNKDVTILKSIREYLGAGIITSDI
DARIRFESLKELEVVINHFDKYPLITQKRADYLLFKKAFYLIKNKEHLTEEGLNQILTLKASLNLGLSEELKEAFPNTIP
AERLLVTGQEIPDSNWVAGFTAGDGSFYIRIAKNSTLKTGYQVQSVFQITQDTRDIELMKNLISYLNCGNIRIRKYKGSE
GIHDTCVDLVVTNLNDIKEKIIPFFNKNHIIGVKLQDYRDWCKVVTLIDNKEHLTSEGLEKIQKIKEGMNRGRSL
;
A,C,G,J
2 'polydeoxyribonucleotide'
;(DG)(DG)(DT)(DC)(DT)(DA)(DA)(DA)(DC)(DG)(DT)(DC)(DG)(DT)(DA)(DT)(DA)(DG)(DG)(DA)
(DG)(DC)(DA)(DT)(DT)(DT)
;
B,E,H,K
3 'polydeoxyribonucleotide'
;(DC)(DA)(DA)(DA)(DT)(DG)(DC)(DT)(DC)(DC)(DT)(DA)(DT)(DA)(DC)(DG)(DA)(DC)(DG)(DT)
(DT)(DT)(DA)(DG)(DA)(DC)(DC)
;
D,F,I,L
#
# COMPACT_ATOMS: atom_id res chain seq x y z
N ASN A 16 -53.41 -29.09 -37.34
CA ASN A 16 -54.58 -28.25 -37.12
C ASN A 16 -54.29 -27.14 -36.12
N ILE A 17 -54.70 -25.92 -36.48
CA ILE A 17 -54.46 -24.71 -35.69
C ILE A 17 -55.19 -24.63 -34.34
N SER A 18 -54.58 -24.04 -33.33
CA SER A 18 -55.19 -23.87 -32.03
C SER A 18 -56.13 -22.69 -32.02
N PRO A 19 -57.21 -22.76 -31.21
CA PRO A 19 -58.15 -21.64 -31.15
C PRO A 19 -57.57 -20.32 -30.66
N TRP A 20 -56.66 -20.44 -29.71
CA TRP A 20 -55.98 -19.30 -29.10
C TRP A 20 -55.02 -18.66 -30.09
N THR A 21 -54.49 -19.48 -30.99
CA THR A 21 -53.66 -18.96 -32.07
C THR A 21 -54.49 -18.05 -32.96
N ILE A 22 -55.72 -18.46 -33.24
CA ILE A 22 -56.62 -17.65 -34.06
C ILE A 22 -56.91 -16.32 -33.40
N THR A 23 -57.25 -16.38 -32.10
CA THR A 23 -57.56 -15.17 -31.35
C THR A 23 -56.34 -14.27 -31.25
N GLY A 24 -55.18 -14.88 -31.00
CA GLY A 24 -53.94 -14.13 -30.95
C GLY A 24 -53.66 -13.45 -32.28
N PHE A 25 -53.88 -14.21 -33.36
CA PHE A 25 -53.69 -13.71 -34.70
C PHE A 25 -54.71 -12.62 -35.07
N ALA A 26 -55.94 -12.78 -34.58
CA ALA A 26 -56.98 -11.79 -34.82
C ALA A 26 -56.72 -10.50 -34.05
N ASP A 27 -56.24 -10.65 -32.82
CA ASP A 27 -55.78 -9.52 -32.02
C ASP A 27 -54.79 -8.68 -32.82
N ALA A 28 -53.98 -9.37 -33.61
CA ALA A 28 -53.00 -8.72 -34.47
C ALA A 28 -53.64 -8.21 -35.77
N GLU A 29 -54.31 -9.08 -36.51
CA GLU A 29 -54.68 -8.79 -37.89
C GLU A 29 -56.16 -8.56 -38.23
N SER A 30 -57.05 -8.73 -37.27
CA SER A 30 -58.47 -8.71 -37.63
C SER A 30 -59.07 -7.32 -37.52
N SER A 31 -60.25 -7.15 -38.10
CA SER A 31 -61.00 -5.91 -37.94
C SER A 31 -62.48 -6.19 -37.71
N PHE A 32 -63.08 -5.51 -36.74
CA PHE A 32 -64.52 -5.55 -36.56
C PHE A 32 -65.11 -4.26 -37.10
N MET A 33 -66.09 -4.36 -37.98
CA MET A 33 -66.57 -3.19 -38.70
C MET A 33 -68.08 -3.08 -38.78
N LEU A 34 -68.55 -1.84 -38.84
CA LEU A 34 -69.96 -1.56 -39.08
C LEU A 34 -70.05 -0.56 -40.23
N THR A 35 -70.68 -0.98 -41.32
CA THR A 35 -70.92 -0.09 -42.44
C THR A 35 -72.34 0.47 -42.42
N VAL A 36 -72.46 1.80 -42.45
CA VAL A 36 -73.79 2.40 -42.54
C VAL A 36 -73.89 3.28 -43.78
N SER A 37 -74.55 2.73 -44.81
CA SER A 37 -74.65 3.35 -46.13
C SER A 37 -76.08 3.71 -46.51
N LYS A 38 -76.26 4.90 -47.10
CA LYS A 38 -77.55 5.34 -47.61
C LYS A 38 -78.13 4.43 -48.68
N ASP A 39 -79.40 4.09 -48.54
CA ASP A 39 -80.06 3.18 -49.46
C ASP A 39 -81.54 3.55 -49.54
N SER A 40 -81.93 4.07 -50.69
CA SER A 40 -83.31 4.51 -50.93
C SER A 40 -84.32 3.36 -50.82
N LYS A 41 -83.87 2.15 -51.16
CA LYS A 41 -84.78 1.02 -51.25
C LYS A 41 -85.20 0.47 -49.88
N ARG A 42 -84.50 0.88 -48.82
CA ARG A 42 -84.77 0.41 -47.47
C ARG A 42 -85.67 1.43 -46.78
N ASN A 43 -86.46 0.94 -45.83
CA ASN A 43 -87.44 1.74 -45.11
C ASN A 43 -86.87 2.84 -44.22
N THR A 44 -85.70 2.61 -43.64
CA THR A 44 -85.05 3.64 -42.83
C THR A 44 -84.29 4.61 -43.71
N GLY A 45 -84.05 4.21 -44.96
CA GLY A 45 -83.27 5.02 -45.86
C GLY A 45 -81.81 4.68 -45.69
N TRP A 46 -81.53 3.72 -44.81
CA TRP A 46 -80.16 3.34 -44.51
C TRP A 46 -79.94 1.84 -44.47
N SER A 47 -78.74 1.43 -44.86
CA SER A 47 -78.33 0.04 -44.77
C SER A 47 -77.32 -0.10 -43.64
N VAL A 48 -77.56 -1.05 -42.75
CA VAL A 48 -76.64 -1.26 -41.63
C VAL A 48 -76.16 -2.70 -41.60
N ARG A 49 -74.86 -2.89 -41.52
CA ARG A 49 -74.33 -4.24 -41.48
C ARG A 49 -73.03 -4.36 -40.70
N PRO A 50 -72.89 -5.46 -39.96
CA PRO A 50 -71.68 -5.75 -39.18
C PRO A 50 -70.75 -6.62 -40.02
N ARG A 51 -69.44 -6.50 -39.81
CA ARG A 51 -68.48 -7.31 -40.54
C ARG A 51 -67.31 -7.74 -39.66
N PHE A 52 -66.85 -8.96 -39.87
CA PHE A 52 -65.57 -9.35 -39.31
C PHE A 52 -64.67 -9.82 -40.45
N ARG A 53 -63.44 -9.33 -40.47
CA ARG A 53 -62.55 -9.59 -41.59
C ARG A 53 -61.09 -9.64 -41.17
N ILE A 54 -60.32 -10.49 -41.84
CA ILE A 54 -58.87 -10.47 -41.75
C ILE A 54 -58.29 -10.35 -43.15
N GLY A 55 -57.38 -9.40 -43.34
CA GLY A 55 -56.79 -9.21 -44.64
C GLY A 55 -55.28 -9.28 -44.53
N LEU A 56 -54.70 -10.06 -45.44
CA LEU A 56 -53.29 -10.38 -45.40
C LEU A 56 -52.71 -10.29 -46.80
N HIS A 57 -51.39 -10.35 -46.91
CA HIS A 57 -50.77 -10.49 -48.21
C HIS A 57 -51.27 -11.80 -48.83
N ASN A 58 -51.46 -11.82 -50.14
CA ASN A 58 -51.86 -13.03 -50.86
C ASN A 58 -51.08 -14.29 -50.46
N LYS A 59 -49.80 -14.11 -50.16
CA LYS A 59 -48.94 -15.23 -49.84
C LYS A 59 -49.35 -16.00 -48.58
N ASP A 60 -50.19 -15.38 -47.75
CA ASP A 60 -50.54 -16.01 -46.48
C ASP A 60 -52.01 -16.40 -46.46
N VAL A 61 -52.57 -16.62 -47.65
CA VAL A 61 -53.92 -17.16 -47.81
C VAL A 61 -54.14 -18.46 -47.03
N THR A 62 -53.10 -19.28 -46.95
CA THR A 62 -53.15 -20.56 -46.24
C THR A 62 -53.55 -20.39 -44.78
N ILE A 63 -53.14 -19.27 -44.18
CA ILE A 63 -53.52 -18.97 -42.82
C ILE A 63 -55.04 -18.82 -42.75
N LEU A 64 -55.59 -18.11 -43.72
CA LEU A 64 -57.02 -17.88 -43.77
C LEU A 64 -57.80 -19.19 -43.93
N LYS A 65 -57.27 -20.09 -44.76
CA LYS A 65 -57.90 -21.40 -44.97
C LYS A 65 -57.91 -22.26 -43.71
N SER A 66 -56.83 -22.18 -42.95
CA SER A 66 -56.71 -22.94 -41.70
C SER A 66 -57.77 -22.42 -40.75
N ILE A 67 -57.92 -21.11 -40.74
CA ILE A 67 -58.93 -20.47 -39.91
C ILE A 67 -60.33 -20.87 -40.37
N ARG A 68 -60.55 -20.84 -41.68
CA ARG A 68 -61.84 -21.24 -42.25
C ARG A 68 -62.17 -22.70 -41.90
N GLU A 69 -61.19 -23.59 -41.99
CA GLU A 69 -61.46 -25.00 -41.71
C GLU A 69 -61.82 -25.18 -40.23
N TYR A 70 -61.15 -24.42 -39.38
CA TYR A 70 -61.45 -24.47 -37.95
C TYR A 70 -62.85 -23.99 -37.60
N LEU A 71 -63.26 -22.83 -38.10
CA LEU A 71 -64.48 -22.23 -37.60
C LEU A 71 -65.66 -22.81 -38.37
N GLY A 72 -65.39 -23.35 -39.55
CA GLY A 72 -66.42 -23.86 -40.41
C GLY A 72 -67.27 -22.77 -41.03
N ALA A 73 -66.67 -21.60 -41.23
CA ALA A 73 -67.39 -20.44 -41.70
C ALA A 73 -66.42 -19.40 -42.23
N GLY A 74 -66.91 -18.46 -43.03
CA GLY A 74 -66.06 -17.43 -43.59
C GLY A 74 -65.88 -17.57 -45.08
N ILE A 75 -65.81 -16.42 -45.76
CA ILE A 75 -65.64 -16.42 -47.20
C ILE A 75 -64.27 -15.85 -47.52
N ILE A 76 -63.47 -16.65 -48.23
CA ILE A 76 -62.11 -16.28 -48.57
C ILE A 76 -62.02 -15.72 -49.98
N THR A 77 -61.29 -14.62 -50.14
CA THR A 77 -61.06 -14.05 -51.46
C THR A 77 -59.58 -13.72 -51.64
N SER A 78 -59.14 -13.75 -52.89
CA SER A 78 -57.77 -13.42 -53.24
C SER A 78 -57.73 -12.63 -54.53
N ASP A 79 -57.27 -11.39 -54.44
CA ASP A 79 -57.10 -10.54 -55.61
C ASP A 79 -55.84 -9.71 -55.42
N ILE A 80 -55.99 -8.43 -55.07
CA ILE A 80 -54.81 -7.62 -54.81
C ILE A 80 -54.29 -7.95 -53.41
N ASP A 81 -55.16 -8.51 -52.57
CA ASP A 81 -54.75 -9.07 -51.29
C ASP A 81 -55.59 -10.30 -50.95
N ALA A 82 -55.31 -10.94 -49.82
CA ALA A 82 -56.11 -12.08 -49.39
C ALA A 82 -56.96 -11.74 -48.17
N ARG A 83 -58.25 -12.09 -48.24
CA ARG A 83 -59.18 -11.75 -47.17
C ARG A 83 -60.09 -12.92 -46.81
N ILE A 84 -60.39 -13.07 -45.53
CA ILE A 84 -61.54 -13.88 -45.11
C ILE A 84 -62.56 -12.98 -44.42
N ARG A 85 -63.81 -13.09 -44.82
CA ARG A 85 -64.85 -12.21 -44.31
C ARG A 85 -66.08 -12.95 -43.76
N PHE A 86 -66.70 -12.33 -42.76
CA PHE A 86 -67.90 -12.85 -42.13
C PHE A 86 -68.91 -11.71 -42.14
N GLU A 87 -70.00 -11.88 -42.89
CA GLU A 87 -70.94 -10.78 -43.07
C GLU A 87 -72.38 -11.23 -42.87
N SER A 88 -72.65 -12.51 -43.12
CA SER A 88 -73.98 -13.08 -42.93
C SER A 88 -74.17 -13.35 -41.44
N LEU A 89 -75.42 -13.38 -40.98
CA LEU A 89 -75.70 -13.58 -39.57
C LEU A 89 -75.18 -14.92 -39.05
N LYS A 90 -75.29 -15.97 -39.87
CA LYS A 90 -74.77 -17.28 -39.51
C LYS A 90 -73.26 -17.26 -39.29
N GLU A 91 -72.56 -16.56 -40.18
CA GLU A 91 -71.11 -16.43 -40.08
C GLU A 91 -70.70 -15.60 -38.88
N LEU A 92 -71.42 -14.51 -38.66
CA LEU A 92 -71.09 -13.63 -37.55
C LEU A 92 -71.36 -14.33 -36.22
N GLU A 93 -72.35 -15.20 -36.20
CA GLU A 93 -72.65 -15.99 -35.00
C GLU A 93 -71.46 -16.87 -34.63
N VAL A 94 -70.85 -17.48 -35.65
CA VAL A 94 -69.66 -18.29 -35.48
C VAL A 94 -68.53 -17.46 -34.91
N VAL A 95 -68.39 -16.25 -35.42
CA VAL A 95 -67.39 -15.31 -34.95
C VAL A 95 -67.62 -14.95 -33.49
N ILE A 96 -68.86 -14.61 -33.16
CA ILE A 96 -69.20 -14.23 -31.80
C ILE A 96 -69.01 -15.38 -30.81
N ASN A 97 -69.42 -16.58 -31.20
CA ASN A 97 -69.25 -17.74 -30.31
C ASN A 97 -67.79 -18.01 -29.99
N HIS A 98 -66.94 -17.87 -31.01
CA HIS A 98 -65.51 -18.07 -30.84
C HIS A 98 -64.84 -17.07 -29.91
N PHE A 99 -65.05 -15.77 -30.19
CA PHE A 99 -64.35 -14.75 -29.43
C PHE A 99 -64.93 -14.58 -28.03
N ASP A 100 -66.17 -15.00 -27.85
CA ASP A 100 -66.76 -15.08 -26.53
C ASP A 100 -66.08 -16.18 -25.74
N LYS A 101 -65.68 -17.23 -26.47
CA LYS A 101 -65.06 -18.40 -25.87
C LYS A 101 -63.55 -18.16 -25.73
N TYR A 102 -62.96 -17.48 -26.70
CA TYR A 102 -61.52 -17.18 -26.72
C TYR A 102 -61.28 -15.68 -26.88
N PRO A 103 -61.48 -14.91 -25.82
CA PRO A 103 -61.57 -13.44 -25.94
C PRO A 103 -60.26 -12.75 -26.31
N LEU A 104 -60.39 -11.72 -27.14
CA LEU A 104 -59.30 -10.80 -27.45
C LEU A 104 -58.81 -10.11 -26.18
N ILE A 105 -57.54 -9.70 -26.17
CA ILE A 105 -56.98 -9.03 -24.99
C ILE A 105 -56.27 -7.73 -25.34
N THR A 106 -56.19 -7.41 -26.62
CA THR A 106 -55.75 -6.07 -27.03
C THR A 106 -56.96 -5.13 -26.95
N GLN A 107 -56.74 -3.87 -27.33
CA GLN A 107 -57.82 -2.88 -27.35
C GLN A 107 -58.96 -3.27 -28.29
N LYS A 108 -58.72 -4.22 -29.19
CA LYS A 108 -59.77 -4.71 -30.06
C LYS A 108 -60.93 -5.37 -29.34
N ARG A 109 -60.74 -5.81 -28.10
CA ARG A 109 -61.89 -6.26 -27.32
C ARG A 109 -62.95 -5.16 -27.23
N ALA A 110 -62.52 -3.91 -27.12
CA ALA A 110 -63.49 -2.84 -27.00
C ALA A 110 -64.21 -2.67 -28.34
N ASP A 111 -63.46 -2.81 -29.43
CA ASP A 111 -64.09 -2.77 -30.75
C ASP A 111 -65.03 -3.95 -30.90
N TYR A 112 -64.61 -5.11 -30.40
CA TYR A 112 -65.40 -6.33 -30.46
C TYR A 112 -66.73 -6.19 -29.71
N LEU A 113 -66.68 -5.56 -28.55
CA LEU A 113 -67.85 -5.46 -27.69
C LEU A 113 -68.89 -4.52 -28.30
N LEU A 114 -68.41 -3.45 -28.93
CA LEU A 114 -69.27 -2.53 -29.67
C LEU A 114 -69.89 -3.28 -30.83
N PHE A 115 -69.05 -4.00 -31.56
CA PHE A 115 -69.46 -4.84 -32.68
C PHE A 115 -70.52 -5.85 -32.27
N LYS A 116 -70.33 -6.45 -31.09
CA LYS A 116 -71.23 -7.50 -30.66
C LYS A 116 -72.61 -6.92 -30.32
N LYS A 117 -72.65 -5.74 -29.73
CA LYS A 117 -73.92 -5.08 -29.43
C LYS A 117 -74.71 -4.75 -30.69
N ALA A 118 -74.01 -4.29 -31.72
CA ALA A 118 -74.65 -3.93 -32.99
C ALA A 118 -75.22 -5.19 -33.60
N PHE A 119 -74.44 -6.26 -33.52
CA PHE A 119 -74.85 -7.56 -34.04
C PHE A 119 -76.14 -8.04 -33.41
N TYR A 120 -76.25 -7.80 -32.11
CA TYR A 120 -77.40 -8.24 -31.33
C TYR A 120 -78.64 -7.45 -31.79
N LEU A 121 -78.48 -6.14 -31.92
CA LEU A 121 -79.50 -5.22 -32.42
C LEU A 121 -80.00 -5.64 -33.80
N ILE A 122 -79.08 -6.04 -34.66
CA ILE A 122 -79.45 -6.43 -36.01
C ILE A 122 -80.18 -7.79 -36.02
N LYS A 123 -79.68 -8.77 -35.25
CA LYS A 123 -80.30 -10.11 -35.18
C LYS A 123 -81.77 -10.09 -34.76
N ASN A 124 -82.10 -9.17 -33.85
CA ASN A 124 -83.44 -9.01 -33.29
C ASN A 124 -84.26 -8.01 -34.11
N LYS A 125 -83.67 -7.58 -35.23
CA LYS A 125 -84.31 -6.70 -36.21
C LYS A 125 -84.60 -5.27 -35.73
N GLU A 126 -83.96 -4.83 -34.64
CA GLU A 126 -84.10 -3.43 -34.16
C GLU A 126 -83.43 -2.41 -35.05
N HIS A 127 -82.54 -2.84 -35.94
CA HIS A 127 -81.91 -1.90 -36.84
C HIS A 127 -82.87 -1.41 -37.92
N LEU A 128 -84.03 -2.06 -38.05
CA LEU A 128 -84.94 -1.67 -39.11
C LEU A 128 -85.92 -0.58 -38.65
N THR A 129 -85.67 -0.07 -37.46
CA THR A 129 -86.48 1.01 -36.90
C THR A 129 -85.56 2.23 -36.76
N GLU A 130 -86.11 3.44 -36.75
CA GLU A 130 -85.29 4.63 -36.45
C GLU A 130 -84.54 4.73 -35.10
N GLU A 131 -85.15 4.32 -33.99
CA GLU A 131 -84.49 4.44 -32.68
C GLU A 131 -83.28 3.51 -32.66
N GLY A 132 -83.50 2.27 -33.10
CA GLY A 132 -82.48 1.23 -33.14
C GLY A 132 -81.39 1.63 -34.12
N LEU A 133 -81.78 2.25 -35.22
CA LEU A 133 -80.83 2.72 -36.21
C LEU A 133 -79.90 3.74 -35.55
N ASN A 134 -80.51 4.66 -34.81
CA ASN A 134 -79.79 5.68 -34.06
C ASN A 134 -78.83 5.03 -33.06
N GLN A 135 -79.24 3.93 -32.47
CA GLN A 135 -78.44 3.25 -31.46
C GLN A 135 -77.18 2.63 -32.08
N ILE A 136 -77.33 2.08 -33.27
CA ILE A 136 -76.20 1.49 -33.99
C ILE A 136 -75.05 2.47 -34.23
N LEU A 137 -75.39 3.67 -34.65
CA LEU A 137 -74.39 4.72 -34.85
C LEU A 137 -73.58 5.13 -33.63
N THR A 138 -74.20 5.15 -32.45
CA THR A 138 -73.44 5.45 -31.24
C THR A 138 -72.37 4.38 -31.07
N LEU A 139 -72.70 3.16 -31.46
CA LEU A 139 -71.75 2.06 -31.40
C LEU A 139 -70.65 2.28 -32.43
N LYS A 140 -71.07 2.61 -33.67
CA LYS A 140 -70.12 2.86 -34.74
C LYS A 140 -69.23 4.05 -34.38
N ALA A 141 -69.80 5.02 -33.68
CA ALA A 141 -69.11 6.24 -33.30
C ALA A 141 -67.89 5.94 -32.42
N SER A 142 -67.98 4.86 -31.66
CA SER A 142 -66.92 4.48 -30.73
C SER A 142 -66.07 3.35 -31.30
N LEU A 143 -66.45 2.87 -32.49
CA LEU A 143 -65.77 1.75 -33.12
C LEU A 143 -64.67 2.21 -34.07
N ASN A 144 -63.45 1.70 -33.84
CA ASN A 144 -62.30 2.06 -34.67
C ASN A 144 -62.19 3.56 -34.90
N LEU A 145 -62.30 3.96 -36.17
CA LEU A 145 -62.03 5.34 -36.55
C LEU A 145 -63.27 6.21 -36.36
N GLY A 146 -64.37 5.59 -35.91
CA GLY A 146 -65.59 6.32 -35.60
C GLY A 146 -66.38 6.77 -36.81
N LEU A 147 -67.24 7.77 -36.60
CA LEU A 147 -68.16 8.23 -37.63
C LEU A 147 -67.44 9.20 -38.54
N SER A 148 -67.67 9.06 -39.85
CA SER A 148 -67.19 10.09 -40.77
C SER A 148 -67.97 11.37 -40.51
N GLU A 149 -67.44 12.47 -41.03
CA GLU A 149 -68.11 13.77 -40.94
C GLU A 149 -69.50 13.69 -41.58
N GLU A 150 -69.59 13.02 -42.73
CA GLU A 150 -70.84 12.84 -43.45
C GLU A 150 -71.89 12.11 -42.61
N LEU A 151 -71.46 11.06 -41.92
CA LEU A 151 -72.37 10.30 -41.07
C LEU A 151 -72.74 11.14 -39.85
N LYS A 152 -71.78 11.91 -39.36
CA LYS A 152 -72.04 12.86 -38.28
C LYS A 152 -73.11 13.86 -38.71
N GLU A 153 -73.03 14.35 -39.95
CA GLU A 153 -74.01 15.31 -40.47
C GLU A 153 -75.44 14.76 -40.60
N ALA A 154 -75.57 13.50 -40.99
CA ALA A 154 -76.86 12.88 -41.22
C ALA A 154 -77.49 12.50 -39.88
N PHE A 155 -76.63 12.28 -38.90
CA PHE A 155 -77.02 11.88 -37.55
C PHE A 155 -76.26 12.84 -36.62
N PRO A 156 -76.54 14.16 -36.70
CA PRO A 156 -75.76 15.16 -35.96
C PRO A 156 -75.69 15.15 -34.43
N ASN A 157 -76.67 14.57 -33.75
CA ASN A 157 -76.61 14.59 -32.29
C ASN A 157 -76.21 13.26 -31.67
N THR A 158 -75.48 12.44 -32.43
CA THR A 158 -75.04 11.14 -31.94
C THR A 158 -73.93 11.25 -30.91
N ILE A 159 -74.25 10.70 -29.74
CA ILE A 159 -73.32 10.58 -28.63
C ILE A 159 -72.77 9.17 -28.62
N PRO A 160 -71.45 9.03 -28.76
CA PRO A 160 -70.77 7.74 -28.89
C PRO A 160 -70.98 6.82 -27.68
N ALA A 161 -71.25 5.55 -27.97
CA ALA A 161 -71.48 4.54 -26.94
C ALA A 161 -70.26 4.40 -26.04
N GLU A 162 -70.49 3.94 -24.80
CA GLU A 162 -69.38 3.76 -23.88
C GLU A 162 -68.45 2.68 -24.40
N ARG A 163 -67.15 2.94 -24.32
CA ARG A 163 -66.17 1.98 -24.78
C ARG A 163 -65.42 1.38 -23.61
N LEU A 164 -65.38 0.05 -23.53
CA LEU A 164 -64.61 -0.58 -22.46
C LEU A 164 -63.17 -0.15 -22.67
N LEU A 165 -62.56 0.46 -21.67
CA LEU A 165 -61.11 0.65 -21.70
C LEU A 165 -60.50 -0.66 -21.21
N VAL A 166 -59.74 -1.33 -22.06
CA VAL A 166 -59.23 -2.67 -21.76
C VAL A 166 -57.95 -2.64 -20.93
N THR A 167 -58.01 -3.30 -19.77
CA THR A 167 -56.94 -3.28 -18.79
C THR A 167 -56.81 -4.56 -17.97
N GLY A 168 -55.62 -4.77 -17.43
CA GLY A 168 -55.38 -5.91 -16.57
C GLY A 168 -55.51 -7.26 -17.23
N GLN A 169 -55.14 -7.34 -18.50
CA GLN A 169 -55.34 -8.59 -19.22
C GLN A 169 -54.11 -9.47 -19.10
N GLU A 170 -54.36 -10.71 -18.70
CA GLU A 170 -53.30 -11.71 -18.61
C GLU A 170 -53.19 -12.37 -19.97
N ILE A 171 -51.99 -12.81 -20.31
CA ILE A 171 -51.82 -13.65 -21.49
C ILE A 171 -52.58 -14.94 -21.22
N PRO A 172 -53.64 -15.19 -22.00
CA PRO A 172 -54.58 -16.28 -21.75
C PRO A 172 -54.03 -17.66 -22.08
N ASP A 173 -53.02 -17.73 -22.96
CA ASP A 173 -52.54 -19.01 -23.46
C ASP A 173 -51.29 -18.80 -24.28
N SER A 174 -50.38 -19.78 -24.23
CA SER A 174 -49.13 -19.72 -24.97
C SER A 174 -49.37 -19.59 -26.48
N ASN A 175 -50.45 -20.21 -26.96
CA ASN A 175 -50.79 -20.17 -28.37
C ASN A 175 -51.30 -18.80 -28.81
N TRP A 176 -51.81 -18.02 -27.86
CA TRP A 176 -52.18 -16.64 -28.15
C TRP A 176 -50.97 -15.85 -28.61
N VAL A 177 -49.86 -16.03 -27.90
CA VAL A 177 -48.62 -15.34 -28.22
C VAL A 177 -48.14 -15.72 -29.62
N ALA A 178 -48.23 -17.01 -29.95
CA ALA A 178 -47.85 -17.49 -31.26
C ALA A 178 -48.70 -16.85 -32.36
N GLY A 179 -49.99 -16.77 -32.14
CA GLY A 179 -50.88 -16.16 -33.12
C GLY A 179 -50.58 -14.68 -33.24
N PHE A 180 -50.42 -14.03 -32.09
CA PHE A 180 -50.10 -12.61 -32.03
C PHE A 180 -48.78 -12.27 -32.73
N THR A 181 -47.78 -13.12 -32.50
CA THR A 181 -46.45 -12.87 -33.07
C THR A 181 -46.46 -13.12 -34.57
N ALA A 182 -47.28 -14.07 -35.00
CA ALA A 182 -47.37 -14.35 -36.43
C ALA A 182 -47.92 -13.15 -37.20
N GLY A 183 -48.74 -12.31 -36.58
CA GLY A 183 -49.17 -11.12 -37.28
C GLY A 183 -48.22 -9.95 -37.16
N ASP A 184 -47.90 -9.56 -35.93
CA ASP A 184 -47.17 -8.31 -35.68
C ASP A 184 -45.71 -8.54 -35.28
N GLY A 185 -45.34 -9.81 -35.10
CA GLY A 185 -44.04 -10.11 -34.55
C GLY A 185 -43.01 -10.09 -35.66
N SER A 186 -41.74 -10.01 -35.28
CA SER A 186 -40.67 -10.08 -36.27
C SER A 186 -39.43 -10.82 -35.79
N PHE A 187 -38.95 -11.74 -36.62
CA PHE A 187 -37.69 -12.43 -36.40
C PHE A 187 -36.69 -11.99 -37.46
N TYR A 188 -35.74 -11.14 -37.08
CA TYR A 188 -34.76 -10.67 -38.05
C TYR A 188 -33.36 -10.72 -37.46
N ILE A 189 -32.38 -10.73 -38.34
CA ILE A 189 -30.98 -10.71 -37.94
C ILE A 189 -30.43 -9.32 -38.17
N ARG A 190 -29.94 -8.72 -37.09
CA ARG A 190 -29.40 -7.36 -37.17
C ARG A 190 -27.89 -7.37 -37.35
N ILE A 191 -27.42 -6.71 -38.39
CA ILE A 191 -26.00 -6.54 -38.65
C ILE A 191 -25.65 -5.06 -38.62
N ALA A 192 -24.74 -4.67 -37.73
CA ALA A 192 -24.39 -3.26 -37.59
C ALA A 192 -22.93 -3.02 -37.93
N LYS A 193 -22.68 -2.05 -38.81
CA LYS A 193 -21.31 -1.67 -39.12
C LYS A 193 -20.67 -1.08 -37.88
N ASN A 194 -19.52 -1.64 -37.52
CA ASN A 194 -18.88 -1.31 -36.27
C ASN A 194 -17.40 -1.67 -36.36
N SER A 195 -16.54 -0.66 -36.46
CA SER A 195 -15.13 -0.87 -36.70
C SER A 195 -14.45 -1.57 -35.53
N THR A 196 -15.05 -1.48 -34.35
CA THR A 196 -14.47 -2.09 -33.16
C THR A 196 -14.58 -3.62 -33.14
N LEU A 197 -15.23 -4.19 -34.14
CA LEU A 197 -15.27 -5.64 -34.31
C LEU A 197 -14.33 -6.07 -35.43
N LYS A 198 -13.72 -7.25 -35.26
CA LYS A 198 -12.73 -7.72 -36.22
C LYS A 198 -13.32 -7.83 -37.62
N THR A 199 -14.54 -8.34 -37.72
CA THR A 199 -15.20 -8.49 -39.01
C THR A 199 -15.70 -7.15 -39.54
N GLY A 200 -15.76 -6.15 -38.66
CA GLY A 200 -16.31 -4.86 -39.01
C GLY A 200 -17.81 -4.72 -38.77
N TYR A 201 -18.43 -5.79 -38.29
CA TYR A 201 -19.87 -5.79 -38.05
C TYR A 201 -20.26 -6.59 -36.81
N GLN A 202 -21.17 -6.04 -36.00
CA GLN A 202 -21.83 -6.85 -34.99
C GLN A 202 -22.99 -7.61 -35.61
N VAL A 203 -23.18 -8.85 -35.19
CA VAL A 203 -24.32 -9.64 -35.63
C VAL A 203 -25.18 -10.00 -34.43
N GLN A 204 -26.47 -9.70 -34.54
CA GLN A 204 -27.42 -9.94 -33.46
C GLN A 204 -28.67 -10.59 -34.01
N SER A 205 -29.17 -11.59 -33.30
CA SER A 205 -30.47 -12.17 -33.63
C SER A 205 -31.49 -11.43 -32.79
N VAL A 206 -32.57 -11.00 -33.45
CA VAL A 206 -33.56 -10.15 -32.83
C VAL A 206 -34.97 -10.71 -32.94
N PHE A 207 -35.68 -10.70 -31.82
CA PHE A 207 -37.11 -10.99 -31.82
C PHE A 207 -37.85 -9.74 -31.43
N GLN A 208 -38.94 -9.49 -32.12
CA GLN A 208 -39.64 -8.21 -31.98
C GLN A 208 -41.14 -8.37 -32.13
N ILE A 209 -41.87 -7.56 -31.38
CA ILE A 209 -43.30 -7.38 -31.58
C ILE A 209 -43.58 -5.90 -31.59
N THR A 210 -44.37 -5.46 -32.56
CA THR A 210 -44.65 -4.04 -32.75
C THR A 210 -46.12 -3.84 -32.44
N GLN A 211 -46.43 -2.75 -31.75
CA GLN A 211 -47.81 -2.44 -31.44
C GLN A 211 -47.95 -0.97 -31.09
N ASP A 212 -49.10 -0.38 -31.41
CA ASP A 212 -49.37 1.00 -31.06
C ASP A 212 -49.28 1.17 -29.55
N THR A 213 -48.91 2.35 -29.11
CA THR A 213 -48.64 2.58 -27.70
C THR A 213 -49.89 2.43 -26.84
N ARG A 214 -51.07 2.40 -27.48
CA ARG A 214 -52.32 2.19 -26.75
C ARG A 214 -52.32 0.88 -25.97
N ASP A 215 -51.46 -0.06 -26.35
CA ASP A 215 -51.36 -1.35 -25.68
C ASP A 215 -49.96 -1.60 -25.12
N ILE A 216 -49.30 -0.55 -24.66
CA ILE A 216 -47.94 -0.71 -24.14
C ILE A 216 -47.94 -1.59 -22.90
N GLU A 217 -49.01 -1.53 -22.12
CA GLU A 217 -49.16 -2.33 -20.90
C GLU A 217 -49.12 -3.82 -21.24
N LEU A 218 -49.85 -4.18 -22.29
CA LEU A 218 -49.87 -5.56 -22.78
C LEU A 218 -48.46 -6.00 -23.20
N MET A 219 -47.74 -5.15 -23.91
CA MET A 219 -46.40 -5.45 -24.37
C MET A 219 -45.52 -5.69 -23.15
N LYS A 220 -45.73 -4.86 -22.13
CA LYS A 220 -45.03 -4.98 -20.86
C LYS A 220 -45.40 -6.28 -20.22
N ASN A 221 -46.66 -6.66 -20.35
CA ASN A 221 -47.13 -7.94 -19.84
C ASN A 221 -46.53 -9.13 -20.57
N LEU A 222 -46.27 -8.96 -21.87
CA LEU A 222 -45.64 -10.00 -22.69
C LEU A 222 -44.19 -10.23 -22.30
N ILE A 223 -43.52 -9.17 -21.87
CA ILE A 223 -42.15 -9.26 -21.40
C ILE A 223 -42.07 -10.09 -20.11
N SER A 224 -43.01 -9.82 -19.20
CA SER A 224 -43.11 -10.58 -17.96
C SER A 224 -43.42 -12.05 -18.27
N TYR A 225 -44.28 -12.25 -19.26
CA TYR A 225 -44.77 -13.59 -19.58
C TYR A 225 -43.66 -14.43 -20.21
N LEU A 226 -42.87 -13.80 -21.07
CA LEU A 226 -41.76 -14.50 -21.74
C LEU A 226 -40.48 -14.45 -20.90
N ASN A 227 -40.49 -13.60 -19.87
CA ASN A 227 -39.38 -13.45 -18.93
C ASN A 227 -38.13 -12.87 -19.60
N CYS A 228 -38.35 -12.10 -20.67
CA CYS A 228 -37.25 -11.44 -21.35
C CYS A 228 -37.75 -10.32 -22.25
N GLY A 229 -36.83 -9.55 -22.79
CA GLY A 229 -37.15 -8.50 -23.75
C GLY A 229 -37.16 -7.13 -23.09
N ASN A 230 -36.99 -6.10 -23.90
CA ASN A 230 -37.12 -4.72 -23.43
C ASN A 230 -38.22 -3.95 -24.16
N ILE A 231 -38.75 -2.94 -23.49
CA ILE A 231 -39.72 -2.03 -24.12
C ILE A 231 -39.02 -0.86 -24.80
N ARG A 232 -39.37 -0.65 -26.06
CA ARG A 232 -38.86 0.48 -26.83
C ARG A 232 -39.96 1.42 -27.33
N ILE A 233 -39.85 2.70 -26.98
CA ILE A 233 -40.80 3.69 -27.47
C ILE A 233 -39.98 4.39 -28.54
N ARG A 234 -40.47 4.43 -29.77
CA ARG A 234 -39.77 5.20 -30.80
C ARG A 234 -39.95 6.71 -30.73
N LYS A 235 -39.25 7.38 -31.66
CA LYS A 235 -39.22 8.83 -31.84
C LYS A 235 -40.54 9.53 -31.57
N HIS A 243 -46.46 6.60 -36.15
CA HIS A 243 -46.83 5.22 -35.87
C HIS A 243 -48.03 5.14 -34.94
N THR A 245 -44.93 6.54 -32.91
CA THR A 245 -45.97 6.52 -31.88
C THR A 245 -46.35 5.05 -31.65
N CYS A 246 -45.44 4.16 -32.05
CA CYS A 246 -45.54 2.72 -31.77
C CYS A 246 -44.53 2.28 -30.72
N VAL A 247 -44.85 1.20 -30.04
CA VAL A 247 -43.93 0.57 -29.09
C VAL A 247 -43.51 -0.80 -29.63
N ASP A 248 -42.22 -1.12 -29.46
CA ASP A 248 -41.68 -2.43 -29.74
C ASP A 248 -41.20 -3.23 -28.52
N LEU A 249 -41.60 -4.50 -28.46
CA LEU A 249 -40.96 -5.48 -27.61
C LEU A 249 -39.74 -6.07 -28.33
N VAL A 250 -38.55 -5.90 -27.76
CA VAL A 250 -37.32 -6.37 -28.38
C VAL A 250 -36.48 -7.30 -27.50
N VAL A 251 -36.20 -8.49 -28.01
CA VAL A 251 -35.27 -9.41 -27.35
C VAL A 251 -33.96 -9.52 -28.12
N THR A 252 -32.87 -9.12 -27.49
CA THR A 252 -31.55 -9.14 -28.13
C THR A 252 -30.58 -10.04 -27.38
N ASN A 253 -30.87 -10.27 -26.11
CA ASN A 253 -30.05 -11.14 -25.28
C ASN A 253 -29.99 -12.54 -25.86
N LEU A 254 -28.77 -13.01 -26.09
CA LEU A 254 -28.53 -14.26 -26.80
C LEU A 254 -29.08 -15.47 -26.03
N ASN A 255 -28.88 -15.52 -24.73
CA ASN A 255 -29.48 -16.64 -24.00
C ASN A 255 -30.88 -16.38 -23.46
N ASP A 256 -31.48 -15.24 -23.78
CA ASP A 256 -32.94 -15.16 -23.74
C ASP A 256 -33.55 -15.82 -24.97
N ILE A 257 -32.89 -15.59 -26.10
CA ILE A 257 -33.28 -16.18 -27.37
C ILE A 257 -33.15 -17.69 -27.38
N LYS A 258 -32.00 -18.15 -26.89
CA LYS A 258 -31.68 -19.58 -26.84
C LYS A 258 -32.58 -20.37 -25.90
N GLU A 259 -32.81 -19.83 -24.71
CA GLU A 259 -33.47 -20.58 -23.65
C GLU A 259 -34.91 -20.20 -23.37
N LYS A 260 -35.40 -19.14 -24.01
CA LYS A 260 -36.79 -18.72 -23.78
C LYS A 260 -37.60 -18.62 -25.06
N ILE A 261 -37.19 -17.73 -25.96
CA ILE A 261 -37.92 -17.50 -27.21
C ILE A 261 -38.02 -18.71 -28.15
N ILE A 262 -36.89 -19.33 -28.49
CA ILE A 262 -36.90 -20.47 -29.41
C ILE A 262 -37.64 -21.70 -28.85
N PRO A 263 -37.40 -22.08 -27.58
CA PRO A 263 -38.19 -23.20 -27.04
C PRO A 263 -39.68 -22.89 -27.01
N PHE A 264 -40.04 -21.65 -26.71
CA PHE A 264 -41.43 -21.23 -26.65
C PHE A 264 -42.14 -21.43 -28.00
N PHE A 265 -41.52 -20.93 -29.07
CA PHE A 265 -42.14 -20.91 -30.39
C PHE A 265 -41.97 -22.26 -31.08
N ASN A 266 -41.22 -23.15 -30.45
CA ASN A 266 -41.07 -24.51 -30.93
C ASN A 266 -42.33 -25.30 -30.56
N LYS A 267 -42.90 -24.97 -29.40
CA LYS A 267 -44.13 -25.58 -28.91
C LYS A 267 -45.36 -24.85 -29.42
N ASN A 268 -45.24 -23.53 -29.52
CA ASN A 268 -46.31 -22.67 -30.02
C ASN A 268 -45.95 -22.12 -31.39
N HIS A 269 -46.46 -22.78 -32.43
CA HIS A 269 -45.95 -22.67 -33.78
C HIS A 269 -46.29 -21.34 -34.44
N ILE A 270 -45.31 -20.74 -35.10
CA ILE A 270 -45.58 -19.63 -35.99
C ILE A 270 -46.31 -20.15 -37.23
N ILE A 271 -47.28 -19.39 -37.72
CA ILE A 271 -47.98 -19.76 -38.93
C ILE A 271 -47.65 -18.79 -40.06
N GLY A 272 -47.90 -19.20 -41.29
CA GLY A 272 -47.71 -18.34 -42.44
C GLY A 272 -46.27 -18.33 -42.90
N VAL A 273 -45.98 -17.52 -43.92
CA VAL A 273 -44.63 -17.42 -44.46
C VAL A 273 -43.59 -17.08 -43.37
N LYS A 274 -44.01 -16.36 -42.34
CA LYS A 274 -43.12 -16.00 -41.24
C LYS A 274 -42.54 -17.21 -40.52
N LEU A 275 -43.19 -18.37 -40.68
CA LEU A 275 -42.69 -19.61 -40.11
C LEU A 275 -41.36 -19.96 -40.76
N GLN A 276 -41.27 -19.70 -42.05
CA GLN A 276 -40.07 -19.95 -42.81
C GLN A 276 -38.97 -19.01 -42.34
N ASP A 277 -39.36 -17.78 -42.03
CA ASP A 277 -38.44 -16.79 -41.50
C ASP A 277 -37.90 -17.16 -40.12
N TYR A 278 -38.79 -17.69 -39.27
CA TYR A 278 -38.43 -18.18 -37.95
C TYR A 278 -37.38 -19.28 -38.00
N ARG A 279 -37.59 -20.25 -38.88
CA ARG A 279 -36.67 -21.37 -39.03
C ARG A 279 -35.28 -20.87 -39.43
N ASP A 280 -35.21 -19.98 -40.42
CA ASP A 280 -33.94 -19.40 -40.82
C ASP A 280 -33.33 -18.63 -39.65
N TRP A 281 -34.18 -17.89 -38.95
CA TRP A 281 -33.78 -17.12 -37.78
C TRP A 281 -33.21 -18.03 -36.70
N CYS A 282 -33.88 -19.15 -36.47
CA CYS A 282 -33.42 -20.19 -35.54
C CYS A 282 -32.04 -20.71 -35.92
N LYS A 283 -31.86 -20.94 -37.22
CA LYS A 283 -30.63 -21.49 -37.79
C LYS A 283 -29.44 -20.57 -37.56
N VAL A 284 -29.69 -19.28 -37.75
CA VAL A 284 -28.70 -18.23 -37.57
C VAL A 284 -28.28 -18.10 -36.10
N VAL A 285 -29.22 -18.27 -35.19
CA VAL A 285 -28.93 -18.22 -33.76
C VAL A 285 -27.89 -19.29 -33.41
N THR A 286 -28.02 -20.46 -34.02
CA THR A 286 -27.03 -21.53 -33.83
C THR A 286 -25.65 -21.06 -34.30
N LEU A 287 -25.60 -20.50 -35.50
CA LEU A 287 -24.35 -19.98 -36.06
C LEU A 287 -23.74 -18.89 -35.15
N ILE A 288 -24.60 -18.04 -34.61
CA ILE A 288 -24.15 -16.98 -33.71
C ILE A 288 -23.61 -17.60 -32.42
N ASP A 289 -24.38 -18.56 -31.89
CA ASP A 289 -24.01 -19.27 -30.67
C ASP A 289 -22.66 -19.93 -30.82
N ASN A 290 -22.31 -20.34 -32.03
CA ASN A 290 -21.02 -20.97 -32.24
C ASN A 290 -19.98 -19.95 -32.71
N LYS A 291 -20.30 -18.67 -32.54
CA LYS A 291 -19.32 -17.61 -32.78
C LYS A 291 -18.80 -17.48 -34.21
N GLU A 292 -19.49 -18.08 -35.17
CA GLU A 292 -19.04 -18.04 -36.55
C GLU A 292 -19.26 -16.64 -37.13
N HIS A 293 -20.09 -15.85 -36.45
CA HIS A 293 -20.32 -14.46 -36.84
C HIS A 293 -19.10 -13.60 -36.53
N LEU A 294 -18.18 -14.14 -35.73
CA LEU A 294 -16.98 -13.40 -35.36
C LEU A 294 -15.87 -13.72 -36.35
N THR A 295 -16.22 -14.46 -37.40
CA THR A 295 -15.31 -14.77 -38.50
C THR A 295 -15.86 -14.24 -39.81
N SER A 296 -14.96 -13.94 -40.75
CA SER A 296 -15.34 -13.44 -42.06
C SER A 296 -16.25 -14.39 -42.85
N GLU A 297 -15.88 -15.66 -42.90
CA GLU A 297 -16.63 -16.67 -43.64
C GLU A 297 -18.05 -16.87 -43.13
N GLY A 298 -18.19 -16.99 -41.81
CA GLY A 298 -19.47 -17.14 -41.16
C GLY A 298 -20.38 -15.95 -41.37
N LEU A 299 -19.80 -14.76 -41.33
CA LEU A 299 -20.55 -13.53 -41.56
C LEU A 299 -21.17 -13.50 -42.95
N GLU A 300 -20.42 -13.95 -43.95
CA GLU A 300 -20.96 -14.09 -45.30
C GLU A 300 -22.12 -15.06 -45.32
N LYS A 301 -21.95 -16.19 -44.63
CA LYS A 301 -23.00 -17.19 -44.47
C LYS A 301 -24.25 -16.53 -43.91
N ILE A 302 -24.08 -15.81 -42.80
CA ILE A 302 -25.20 -15.18 -42.11
C ILE A 302 -25.88 -14.14 -42.99
N GLN A 303 -25.09 -13.29 -43.63
CA GLN A 303 -25.63 -12.31 -44.57
C GLN A 303 -26.50 -12.91 -45.66
N LYS A 304 -26.05 -14.02 -46.23
CA LYS A 304 -26.79 -14.70 -47.30
C LYS A 304 -28.15 -15.19 -46.83
N ILE A 305 -28.17 -15.74 -45.62
CA ILE A 305 -29.42 -16.22 -45.02
C ILE A 305 -30.31 -15.02 -44.77
N LYS A 306 -29.73 -13.98 -44.18
CA LYS A 306 -30.44 -12.75 -43.88
C LYS A 306 -31.07 -12.17 -45.16
N GLU A 307 -30.32 -12.22 -46.25
CA GLU A 307 -30.77 -11.66 -47.52
C GLU A 307 -31.96 -12.45 -48.06
N GLY A 308 -32.14 -13.67 -47.57
CA GLY A 308 -33.23 -14.53 -47.98
C GLY A 308 -34.39 -14.59 -47.01
N MET A 309 -34.37 -13.72 -46.01
CA MET A 309 -35.41 -13.69 -44.99
C MET A 309 -36.35 -12.50 -45.20
N ASN A 310 -37.56 -12.64 -44.67
CA ASN A 310 -38.53 -11.55 -44.61
C ASN A 310 -38.78 -10.90 -45.96
N ARG A 311 -38.57 -9.58 -46.05
CA ARG A 311 -38.83 -8.86 -47.30
C ARG A 311 -37.97 -9.36 -48.46
N GLY A 312 -36.81 -9.93 -48.16
CA GLY A 312 -35.95 -10.42 -49.22
C GLY A 312 -36.36 -11.81 -49.70
N ARG A 313 -37.34 -12.39 -49.03
CA ARG A 313 -37.86 -13.70 -49.43
C ARG A 313 -38.68 -13.55 -50.70
N SER A 314 -38.45 -14.41 -51.68
CA SER A 314 -39.12 -14.27 -52.98
C SER A 314 -40.54 -14.80 -52.92
N ASN B 16 18.57 27.68 -14.17
CA ASN B 16 18.06 26.53 -14.90
C ASN B 16 19.14 25.46 -15.11
N ILE B 17 18.81 24.21 -14.82
CA ILE B 17 19.79 23.14 -14.96
C ILE B 17 20.14 22.92 -16.43
N SER B 18 21.40 22.59 -16.72
CA SER B 18 21.76 22.34 -18.10
C SER B 18 21.39 20.92 -18.51
N PRO B 19 21.03 20.72 -19.77
CA PRO B 19 20.68 19.38 -20.24
C PRO B 19 21.87 18.41 -20.16
N TRP B 20 23.06 18.95 -20.44
CA TRP B 20 24.31 18.20 -20.39
C TRP B 20 24.69 17.85 -18.97
N THR B 21 24.28 18.70 -18.03
CA THR B 21 24.46 18.40 -16.62
C THR B 21 23.66 17.15 -16.27
N ILE B 22 22.44 17.07 -16.80
CA ILE B 22 21.56 15.93 -16.57
C ILE B 22 22.19 14.64 -17.13
N THR B 23 22.67 14.71 -18.35
CA THR B 23 23.29 13.55 -19.00
C THR B 23 24.55 13.12 -18.26
N GLY B 24 25.35 14.10 -17.84
CA GLY B 24 26.56 13.82 -17.09
C GLY B 24 26.21 13.14 -15.78
N PHE B 25 25.16 13.63 -15.13
CA PHE B 25 24.70 13.07 -13.88
C PHE B 25 24.12 11.66 -14.10
N ALA B 26 23.44 11.45 -15.22
CA ALA B 26 22.90 10.14 -15.54
C ALA B 26 24.00 9.13 -15.87
N ASP B 27 25.03 9.58 -16.59
CA ASP B 27 26.23 8.78 -16.83
C ASP B 27 26.76 8.24 -15.51
N ALA B 28 26.65 9.07 -14.48
CA ALA B 28 27.10 8.69 -13.14
C ALA B 28 26.06 7.84 -12.39
N GLU B 29 24.83 8.34 -12.27
CA GLU B 29 23.89 7.76 -11.31
C GLU B 29 22.69 7.00 -11.87
N SER B 30 22.51 6.98 -13.18
CA SER B 30 21.26 6.44 -13.71
C SER B 30 21.38 4.95 -14.02
N SER B 31 20.24 4.31 -14.23
CA SER B 31 20.23 2.92 -14.67
C SER B 31 19.17 2.69 -15.76
N PHE B 32 19.56 1.96 -16.80
CA PHE B 32 18.60 1.51 -17.80
C PHE B 32 18.33 0.03 -17.59
N MET B 33 17.06 -0.33 -17.49
CA MET B 33 16.67 -1.68 -17.06
C MET B 33 15.58 -2.30 -17.92
N LEU B 34 15.62 -3.63 -17.99
CA LEU B 34 14.56 -4.42 -18.62
C LEU B 34 14.12 -5.50 -17.66
N THR B 35 12.85 -5.45 -17.26
CA THR B 35 12.28 -6.49 -16.41
C THR B 35 11.48 -7.51 -17.23
N VAL B 36 11.81 -8.79 -17.11
CA VAL B 36 11.01 -9.81 -17.78
C VAL B 36 10.49 -10.80 -16.74
N SER B 37 9.21 -10.64 -16.40
CA SER B 37 8.55 -11.39 -15.34
C SER B 37 7.39 -12.29 -15.81
N LYS B 38 7.33 -13.51 -15.28
CA LYS B 38 6.24 -14.44 -15.57
C LYS B 38 4.87 -13.90 -15.21
N ASP B 39 3.91 -14.01 -16.12
CA ASP B 39 2.59 -13.48 -15.86
C ASP B 39 1.57 -14.34 -16.62
N SER B 40 0.78 -15.09 -15.85
CA SER B 40 -0.22 -16.00 -16.41
C SER B 40 -1.31 -15.28 -17.20
N LYS B 41 -1.60 -14.05 -16.81
CA LYS B 41 -2.72 -13.32 -17.39
C LYS B 41 -2.38 -12.80 -18.80
N ARG B 42 -1.10 -12.82 -19.14
CA ARG B 42 -0.64 -12.33 -20.44
C ARG B 42 -0.52 -13.50 -21.42
N ASN B 43 -0.69 -13.21 -22.70
CA ASN B 43 -0.68 -14.24 -23.73
C ASN B 43 0.62 -14.98 -23.98
N THR B 44 1.75 -14.30 -23.79
CA THR B 44 3.05 -14.96 -23.94
C THR B 44 3.44 -15.70 -22.66
N GLY B 45 2.74 -15.38 -21.58
CA GLY B 45 3.07 -15.94 -20.28
C GLY B 45 4.12 -15.11 -19.60
N TRP B 46 4.53 -14.02 -20.26
CA TRP B 46 5.58 -13.18 -19.73
C TRP B 46 5.24 -11.70 -19.83
N SER B 47 5.74 -10.94 -18.85
CA SER B 47 5.60 -9.49 -18.87
C SER B 47 6.96 -8.87 -19.18
N VAL B 48 6.98 -7.97 -20.16
CA VAL B 48 8.22 -7.30 -20.53
C VAL B 48 8.06 -5.79 -20.45
N ARG B 49 8.98 -5.12 -19.75
CA ARG B 49 8.90 -3.67 -19.63
C ARG B 49 10.26 -3.00 -19.51
N PRO B 50 10.41 -1.83 -20.14
CA PRO B 50 11.65 -1.06 -20.06
C PRO B 50 11.56 -0.03 -18.94
N ARG B 51 12.69 0.32 -18.33
CA ARG B 51 12.71 1.33 -17.28
C ARG B 51 13.93 2.23 -17.34
N PHE B 52 13.74 3.50 -17.02
CA PHE B 52 14.88 4.37 -16.74
C PHE B 52 14.69 4.98 -15.36
N ARG B 53 15.74 4.95 -14.56
CA ARG B 53 15.63 5.37 -13.16
C ARG B 53 16.93 5.97 -12.62
N ILE B 54 16.79 6.94 -11.74
CA ILE B 54 17.90 7.44 -10.93
C ILE B 54 17.55 7.36 -9.45
N GLY B 55 18.43 6.78 -8.64
CA GLY B 55 18.14 6.65 -7.23
C GLY B 55 19.27 7.24 -6.42
N LEU B 56 18.89 8.07 -5.44
CA LEU B 56 19.84 8.87 -4.67
C LEU B 56 19.46 8.83 -3.20
N HIS B 57 20.34 9.34 -2.35
CA HIS B 57 19.97 9.56 -0.96
C HIS B 57 18.80 10.54 -0.91
N ASN B 58 17.88 10.33 0.03
CA ASN B 58 16.74 11.23 0.24
C ASN B 58 17.11 12.70 0.28
N LYS B 59 18.30 13.01 0.78
CA LYS B 59 18.69 14.40 0.92
C LYS B 59 18.82 15.12 -0.42
N ASP B 60 18.88 14.36 -1.50
CA ASP B 60 19.13 14.93 -2.82
C ASP B 60 17.93 14.79 -3.76
N VAL B 61 16.72 14.69 -3.21
CA VAL B 61 15.49 14.72 -4.00
C VAL B 61 15.39 15.92 -4.95
N THR B 62 15.90 17.06 -4.49
CA THR B 62 15.87 18.30 -5.28
C THR B 62 16.54 18.13 -6.64
N ILE B 63 17.57 17.31 -6.70
CA ILE B 63 18.23 17.04 -7.99
C ILE B 63 17.21 16.37 -8.89
N LEU B 64 16.48 15.42 -8.34
CA LEU B 64 15.48 14.69 -9.11
C LEU B 64 14.37 15.63 -9.57
N LYS B 65 13.98 16.57 -8.71
CA LYS B 65 12.95 17.55 -9.05
C LYS B 65 13.37 18.51 -10.17
N SER B 66 14.64 18.90 -10.16
CA SER B 66 15.18 19.79 -11.17
C SER B 66 15.14 19.08 -12.51
N ILE B 67 15.49 17.80 -12.49
CA ILE B 67 15.46 16.95 -13.66
C ILE B 67 14.02 16.79 -14.18
N ARG B 68 13.09 16.51 -13.27
CA ARG B 68 11.68 16.38 -13.64
C ARG B 68 11.15 17.64 -14.33
N GLU B 69 11.51 18.80 -13.79
CA GLU B 69 11.02 20.06 -14.35
C GLU B 69 11.61 20.25 -15.73
N TYR B 70 12.87 19.88 -15.91
CA TYR B 70 13.50 19.98 -17.21
C TYR B 70 12.82 19.09 -18.25
N LEU B 71 12.61 17.82 -17.93
CA LEU B 71 12.19 16.88 -18.96
C LEU B 71 10.68 16.92 -19.09
N GLY B 72 10.01 17.37 -18.03
CA GLY B 72 8.57 17.38 -18.00
C GLY B 72 7.97 15.99 -17.88
N ALA B 73 8.71 15.09 -17.23
CA ALA B 73 8.30 13.69 -17.14
C ALA B 73 9.07 12.98 -16.03
N GLY B 74 8.56 11.84 -15.60
CA GLY B 74 9.20 11.10 -14.54
C GLY B 74 8.39 11.10 -13.25
N ILE B 75 8.41 9.98 -12.53
CA ILE B 75 7.66 9.91 -11.29
C ILE B 75 8.66 9.82 -10.15
N ILE B 76 8.53 10.78 -9.23
CA ILE B 76 9.42 10.88 -8.10
C ILE B 76 8.84 10.26 -6.84
N THR B 77 9.65 9.47 -6.15
CA THR B 77 9.25 8.88 -4.87
C THR B 77 10.36 9.07 -3.84
N SER B 78 9.98 9.13 -2.58
CA SER B 78 10.93 9.26 -1.48
C SER B 78 10.48 8.38 -0.33
N ASP B 79 11.27 7.37 0.00
CA ASP B 79 10.98 6.50 1.13
C ASP B 79 12.30 6.12 1.78
N ILE B 80 12.78 4.90 1.54
CA ILE B 80 14.08 4.52 2.08
C ILE B 80 15.19 5.14 1.23
N ASP B 81 14.87 5.51 -0.01
CA ASP B 81 15.78 6.31 -0.82
C ASP B 81 14.95 7.24 -1.72
N ALA B 82 15.62 8.08 -2.51
CA ALA B 82 14.89 8.94 -3.42
C ALA B 82 15.08 8.50 -4.86
N ARG B 83 13.98 8.39 -5.60
CA ARG B 83 14.03 7.89 -6.98
C ARG B 83 13.19 8.70 -7.94
N ILE B 84 13.69 8.89 -9.16
CA ILE B 84 12.83 9.28 -10.26
C ILE B 84 12.78 8.17 -11.30
N ARG B 85 11.57 7.83 -11.71
CA ARG B 85 11.36 6.72 -12.63
C ARG B 85 10.53 7.03 -13.87
N PHE B 86 10.89 6.34 -14.95
CA PHE B 86 10.21 6.45 -16.24
C PHE B 86 9.87 5.03 -16.69
N GLU B 87 8.59 4.68 -16.77
CA GLU B 87 8.26 3.30 -17.06
C GLU B 87 7.19 3.20 -18.15
N SER B 88 6.37 4.23 -18.25
CA SER B 88 5.33 4.32 -19.27
C SER B 88 5.94 4.75 -20.60
N LEU B 89 5.31 4.41 -21.71
CA LEU B 89 5.83 4.74 -23.03
C LEU B 89 5.98 6.25 -23.20
N LYS B 90 5.02 7.01 -22.67
CA LYS B 90 5.09 8.47 -22.73
C LYS B 90 6.31 9.01 -22.01
N GLU B 91 6.61 8.46 -20.85
CA GLU B 91 7.78 8.89 -20.07
C GLU B 91 9.10 8.49 -20.73
N LEU B 92 9.16 7.27 -21.24
CA LEU B 92 10.39 6.80 -21.86
C LEU B 92 10.75 7.52 -23.17
N GLU B 93 9.74 7.96 -23.91
CA GLU B 93 9.99 8.75 -25.11
C GLU B 93 10.74 10.03 -24.78
N VAL B 94 10.35 10.66 -23.68
CA VAL B 94 11.02 11.85 -23.19
C VAL B 94 12.47 11.50 -22.89
N VAL B 95 12.67 10.33 -22.29
CA VAL B 95 14.01 9.84 -21.98
C VAL B 95 14.81 9.61 -23.25
N ILE B 96 14.21 8.93 -24.22
CA ILE B 96 14.89 8.64 -25.48
C ILE B 96 15.22 9.92 -26.24
N ASN B 97 14.27 10.86 -26.27
CA ASN B 97 14.52 12.12 -26.96
C ASN B 97 15.70 12.88 -26.36
N HIS B 98 15.79 12.91 -25.04
CA HIS B 98 16.90 13.58 -24.37
C HIS B 98 18.27 12.97 -24.63
N PHE B 99 18.41 11.66 -24.42
CA PHE B 99 19.73 11.04 -24.52
C PHE B 99 20.16 10.87 -25.96
N ASP B 100 19.19 10.87 -26.87
CA ASP B 100 19.50 10.92 -28.29
C ASP B 100 20.06 12.31 -28.64
N LYS B 101 19.58 13.34 -27.93
CA LYS B 101 19.96 14.74 -28.14
C LYS B 101 21.26 14.98 -27.31
N TYR B 102 21.36 14.39 -26.12
CA TYR B 102 22.54 14.58 -25.24
C TYR B 102 23.16 13.23 -24.85
N PRO B 103 23.92 12.59 -25.76
CA PRO B 103 24.28 11.18 -25.53
C PRO B 103 25.22 10.94 -24.37
N LEU B 104 24.99 9.84 -23.67
CA LEU B 104 25.90 9.32 -22.65
C LEU B 104 27.26 9.00 -23.28
N ILE B 105 28.32 9.06 -22.48
CA ILE B 105 29.66 8.79 -23.01
C ILE B 105 30.43 7.76 -22.17
N THR B 106 29.83 7.34 -21.06
CA THR B 106 30.38 6.18 -20.36
C THR B 106 29.88 4.92 -21.05
N GLN B 107 30.25 3.77 -20.50
CA GLN B 107 29.83 2.49 -21.02
C GLN B 107 28.31 2.32 -20.98
N LYS B 108 27.63 3.19 -20.22
CA LYS B 108 26.17 3.17 -20.18
C LYS B 108 25.55 3.46 -21.54
N ARG B 109 26.33 4.05 -22.45
CA ARG B 109 25.86 4.17 -23.82
C ARG B 109 25.50 2.80 -24.39
N ALA B 110 26.25 1.77 -24.02
CA ALA B 110 25.96 0.44 -24.55
C ALA B 110 24.68 -0.08 -23.94
N ASP B 111 24.49 0.19 -22.65
CA ASP B 111 23.25 -0.17 -21.98
C ASP B 111 22.06 0.59 -22.57
N TYR B 112 22.28 1.86 -22.87
CA TYR B 112 21.24 2.71 -23.44
C TYR B 112 20.76 2.19 -24.80
N LEU B 113 21.69 1.72 -25.63
CA LEU B 113 21.35 1.28 -26.99
C LEU B 113 20.55 -0.01 -26.95
N LEU B 114 20.92 -0.89 -26.03
CA LEU B 114 20.16 -2.12 -25.80
C LEU B 114 18.77 -1.76 -25.33
N PHE B 115 18.71 -0.85 -24.35
CA PHE B 115 17.46 -0.35 -23.81
C PHE B 115 16.59 0.26 -24.89
N LYS B 116 17.22 1.02 -25.77
CA LYS B 116 16.51 1.74 -26.82
C LYS B 116 15.94 0.76 -27.84
N LYS B 117 16.72 -0.28 -28.14
CA LYS B 117 16.30 -1.32 -29.06
C LYS B 117 15.08 -2.05 -28.52
N ALA B 118 15.09 -2.31 -27.22
CA ALA B 118 13.98 -3.00 -26.57
C ALA B 118 12.73 -2.14 -26.59
N PHE B 119 12.93 -0.86 -26.32
CA PHE B 119 11.85 0.13 -26.30
C PHE B 119 11.12 0.22 -27.63
N TYR B 120 11.89 0.17 -28.69
CA TYR B 120 11.32 0.27 -30.03
C TYR B 120 10.45 -0.95 -30.33
N LEU B 121 10.99 -2.13 -30.03
CA LEU B 121 10.27 -3.38 -30.20
C LEU B 121 8.91 -3.40 -29.45
N ILE B 122 8.92 -2.90 -28.22
CA ILE B 122 7.71 -2.87 -27.39
C ILE B 122 6.73 -1.84 -27.94
N LYS B 123 7.24 -0.67 -28.29
CA LYS B 123 6.44 0.41 -28.86
C LYS B 123 5.72 -0.11 -30.08
N ASN B 124 6.40 -0.99 -30.80
CA ASN B 124 5.90 -1.59 -32.05
C ASN B 124 5.13 -2.87 -31.75
N LYS B 125 4.92 -3.15 -30.46
CA LYS B 125 4.12 -4.29 -30.01
C LYS B 125 4.73 -5.62 -30.43
N GLU B 126 6.01 -5.59 -30.77
CA GLU B 126 6.72 -6.79 -31.11
C GLU B 126 6.96 -7.72 -29.90
N HIS B 127 6.85 -7.17 -28.69
CA HIS B 127 7.01 -7.98 -27.50
C HIS B 127 5.85 -8.93 -27.20
N LEU B 128 4.74 -8.75 -27.92
CA LEU B 128 3.56 -9.57 -27.67
C LEU B 128 3.56 -10.84 -28.53
N THR B 129 4.69 -11.07 -29.20
CA THR B 129 4.90 -12.24 -30.04
C THR B 129 5.99 -13.11 -29.44
N GLU B 130 6.01 -14.40 -29.76
CA GLU B 130 7.12 -15.24 -29.34
C GLU B 130 8.49 -14.78 -29.87
N GLU B 131 8.55 -14.33 -31.13
CA GLU B 131 9.82 -13.90 -31.70
C GLU B 131 10.37 -12.66 -31.03
N GLY B 132 9.51 -11.64 -30.90
CA GLY B 132 9.90 -10.38 -30.30
C GLY B 132 10.25 -10.53 -28.84
N LEU B 133 9.48 -11.36 -28.14
CA LEU B 133 9.73 -11.63 -26.74
C LEU B 133 11.12 -12.24 -26.60
N ASN B 134 11.40 -13.22 -27.45
CA ASN B 134 12.70 -13.89 -27.50
C ASN B 134 13.82 -12.88 -27.76
N GLN B 135 13.51 -11.90 -28.60
CA GLN B 135 14.49 -10.88 -28.99
C GLN B 135 14.82 -9.98 -27.79
N ILE B 136 13.81 -9.65 -26.99
CA ILE B 136 14.03 -8.82 -25.80
C ILE B 136 15.03 -9.38 -24.82
N LEU B 137 14.96 -10.67 -24.55
CA LEU B 137 15.93 -11.30 -23.66
C LEU B 137 17.37 -11.24 -24.13
N THR B 138 17.61 -11.34 -25.43
CA THR B 138 18.97 -11.21 -25.93
C THR B 138 19.49 -9.82 -25.58
N LEU B 139 18.59 -8.84 -25.63
CA LEU B 139 18.94 -7.47 -25.28
C LEU B 139 19.19 -7.41 -23.77
N LYS B 140 18.28 -8.00 -23.01
CA LYS B 140 18.42 -8.02 -21.55
C LYS B 140 19.69 -8.77 -21.18
N ALA B 141 20.04 -9.79 -21.97
CA ALA B 141 21.21 -10.62 -21.71
C ALA B 141 22.51 -9.82 -21.72
N SER B 142 22.53 -8.75 -22.52
CA SER B 142 23.71 -7.93 -22.68
C SER B 142 23.59 -6.65 -21.88
N LEU B 143 22.45 -6.48 -21.24
CA LEU B 143 22.16 -5.27 -20.48
C LEU B 143 22.55 -5.45 -19.02
N ASN B 144 23.40 -4.54 -18.53
CA ASN B 144 23.86 -4.59 -17.16
C ASN B 144 24.33 -5.99 -16.73
N LEU B 145 23.65 -6.57 -15.76
CA LEU B 145 24.10 -7.82 -15.15
C LEU B 145 23.64 -9.04 -15.95
N GLY B 146 22.87 -8.81 -17.01
CA GLY B 146 22.44 -9.86 -17.92
C GLY B 146 21.32 -10.73 -17.37
N LEU B 147 21.16 -11.93 -17.95
CA LEU B 147 20.05 -12.81 -17.59
C LEU B 147 20.39 -13.63 -16.36
N SER B 148 19.43 -13.74 -15.44
CA SER B 148 19.55 -14.68 -14.33
C SER B 148 19.50 -16.13 -14.82
N GLU B 149 19.92 -17.06 -13.97
CA GLU B 149 19.81 -18.49 -14.28
C GLU B 149 18.39 -18.93 -14.57
N GLU B 150 17.45 -18.45 -13.77
CA GLU B 150 16.04 -18.77 -13.96
C GLU B 150 15.59 -18.34 -15.35
N LEU B 151 15.98 -17.14 -15.75
CA LEU B 151 15.62 -16.64 -17.07
C LEU B 151 16.38 -17.39 -18.16
N LYS B 152 17.64 -17.72 -17.92
CA LYS B 152 18.38 -18.55 -18.86
C LYS B 152 17.74 -19.92 -19.08
N GLU B 153 17.31 -20.55 -18.00
CA GLU B 153 16.66 -21.86 -18.03
C GLU B 153 15.31 -21.82 -18.75
N ALA B 154 14.58 -20.73 -18.57
CA ALA B 154 13.24 -20.57 -19.12
C ALA B 154 13.39 -20.21 -20.59
N PHE B 155 14.52 -19.60 -20.92
CA PHE B 155 14.82 -19.17 -22.28
C PHE B 155 16.19 -19.64 -22.71
N PRO B 156 16.37 -20.97 -22.79
CA PRO B 156 17.68 -21.58 -23.08
C PRO B 156 18.24 -21.19 -24.44
N ASN B 157 19.54 -21.40 -24.59
CA ASN B 157 20.28 -21.08 -25.81
C ASN B 157 20.09 -19.61 -26.23
N THR B 158 19.76 -18.76 -25.26
CA THR B 158 19.56 -17.34 -25.55
C THR B 158 20.96 -16.83 -25.83
N ILE B 159 21.12 -16.28 -27.02
CA ILE B 159 22.38 -15.64 -27.40
C ILE B 159 22.29 -14.15 -27.23
N PRO B 160 23.16 -13.60 -26.37
CA PRO B 160 23.15 -12.19 -25.97
C PRO B 160 23.33 -11.25 -27.15
N ALA B 161 22.53 -10.20 -27.21
CA ALA B 161 22.60 -9.22 -28.29
C ALA B 161 23.97 -8.58 -28.34
N GLU B 162 24.36 -8.09 -29.52
CA GLU B 162 25.67 -7.44 -29.63
C GLU B 162 25.68 -6.17 -28.80
N ARG B 163 26.78 -5.95 -28.07
CA ARG B 163 26.89 -4.77 -27.24
C ARG B 163 27.94 -3.81 -27.79
N LEU B 164 27.57 -2.55 -28.01
CA LEU B 164 28.56 -1.59 -28.46
C LEU B 164 29.62 -1.49 -27.37
N LEU B 165 30.88 -1.72 -27.69
CA LEU B 165 31.94 -1.38 -26.74
C LEU B 165 32.23 0.11 -26.96
N VAL B 166 32.01 0.92 -25.93
CA VAL B 166 32.09 2.39 -26.00
C VAL B 166 33.53 2.86 -25.86
N THR B 167 33.97 3.63 -26.86
CA THR B 167 35.36 4.07 -27.01
C THR B 167 35.59 5.43 -27.64
N GLY B 168 36.77 5.96 -27.32
CA GLY B 168 37.27 7.22 -27.82
C GLY B 168 36.53 8.48 -27.41
N GLN B 169 35.25 8.35 -27.04
CA GLN B 169 34.36 9.47 -26.70
C GLN B 169 34.99 10.80 -26.31
N GLU B 170 34.53 11.88 -26.94
CA GLU B 170 35.02 13.20 -26.57
C GLU B 170 34.14 13.71 -25.44
N ILE B 171 34.71 14.51 -24.56
CA ILE B 171 33.91 15.21 -23.56
C ILE B 171 33.00 16.17 -24.32
N PRO B 172 31.69 15.93 -24.27
CA PRO B 172 30.77 16.68 -25.13
C PRO B 172 30.54 18.13 -24.69
N ASP B 173 30.74 18.43 -23.41
CA ASP B 173 30.37 19.74 -22.88
C ASP B 173 30.87 19.89 -21.45
N SER B 174 31.23 21.12 -21.08
CA SER B 174 31.72 21.40 -19.73
C SER B 174 30.71 21.05 -18.64
N ASN B 175 29.42 21.19 -18.95
CA ASN B 175 28.37 20.88 -17.98
C ASN B 175 28.21 19.38 -17.77
N TRP B 176 28.64 18.58 -18.75
CA TRP B 176 28.69 17.14 -18.57
C TRP B 176 29.60 16.78 -17.42
N VAL B 177 30.77 17.41 -17.39
CA VAL B 177 31.74 17.17 -16.33
C VAL B 177 31.16 17.53 -14.97
N ALA B 178 30.46 18.66 -14.90
CA ALA B 178 29.81 19.09 -13.67
C ALA B 178 28.77 18.09 -13.19
N GLY B 179 27.96 17.59 -14.11
CA GLY B 179 26.93 16.61 -13.78
C GLY B 179 27.54 15.30 -13.34
N PHE B 180 28.55 14.86 -14.09
CA PHE B 180 29.27 13.64 -13.78
C PHE B 180 29.93 13.71 -12.41
N THR B 181 30.49 14.86 -12.10
CA THR B 181 31.21 15.06 -10.85
C THR B 181 30.21 15.15 -9.69
N ALA B 182 29.03 15.68 -9.97
CA ALA B 182 28.01 15.76 -8.93
C ALA B 182 27.56 14.37 -8.47
N GLY B 183 27.66 13.36 -9.34
CA GLY B 183 27.35 12.01 -8.90
C GLY B 183 28.52 11.27 -8.28
N ASP B 184 29.64 11.20 -9.01
CA ASP B 184 30.76 10.34 -8.63
C ASP B 184 31.95 11.12 -8.09
N GLY B 185 31.87 12.45 -8.13
CA GLY B 185 33.03 13.26 -7.80
C GLY B 185 33.11 13.43 -6.30
N SER B 186 34.29 13.85 -5.82
CA SER B 186 34.45 14.14 -4.40
C SER B 186 35.37 15.32 -4.15
N PHE B 187 34.92 16.23 -3.30
CA PHE B 187 35.73 17.34 -2.82
C PHE B 187 35.99 17.13 -1.34
N TYR B 188 37.20 16.72 -0.99
CA TYR B 188 37.51 16.48 0.42
C TYR B 188 38.86 17.08 0.77
N ILE B 189 39.07 17.32 2.05
CA ILE B 189 40.33 17.85 2.56
C ILE B 189 41.10 16.71 3.22
N ARG B 190 42.30 16.44 2.71
CA ARG B 190 43.11 15.36 3.25
C ARG B 190 44.12 15.85 4.27
N ILE B 191 44.07 15.26 5.47
CA ILE B 191 45.01 15.55 6.55
C ILE B 191 45.78 14.28 6.90
N ALA B 192 47.11 14.33 6.78
CA ALA B 192 47.94 13.15 7.04
C ALA B 192 48.89 13.34 8.22
N LYS B 193 48.86 12.40 9.15
CA LYS B 193 49.81 12.43 10.25
C LYS B 193 51.24 12.22 9.72
N ASN B 194 52.11 13.17 10.05
CA ASN B 194 53.47 13.23 9.53
C ASN B 194 54.27 14.08 10.51
N SER B 195 55.16 13.46 11.28
CA SER B 195 55.86 14.14 12.36
C SER B 195 56.82 15.22 11.85
N THR B 196 57.22 15.12 10.59
CA THR B 196 58.16 16.08 9.99
C THR B 196 57.59 17.46 9.69
N LEU B 197 56.31 17.68 9.96
CA LEU B 197 55.73 19.02 9.84
C LEU B 197 55.52 19.69 11.20
N LYS B 198 55.70 21.00 11.22
CA LYS B 198 55.63 21.76 12.47
C LYS B 198 54.28 21.61 13.17
N THR B 199 53.18 21.66 12.41
CA THR B 199 51.86 21.53 13.02
C THR B 199 51.58 20.07 13.36
N GLY B 200 52.40 19.19 12.81
CA GLY B 200 52.20 17.76 12.96
C GLY B 200 51.31 17.16 11.89
N TYR B 201 50.81 17.99 10.97
CA TYR B 201 49.92 17.51 9.91
C TYR B 201 50.11 18.19 8.57
N GLN B 202 50.11 17.40 7.50
CA GLN B 202 49.97 17.94 6.16
C GLN B 202 48.49 18.16 5.89
N VAL B 203 48.19 19.25 5.22
CA VAL B 203 46.84 19.56 4.78
C VAL B 203 46.80 19.62 3.27
N GLN B 204 45.87 18.88 2.68
CA GLN B 204 45.78 18.82 1.24
C GLN B 204 44.32 18.98 0.84
N SER B 205 44.08 19.79 -0.17
CA SER B 205 42.75 19.85 -0.76
C SER B 205 42.75 18.87 -1.92
N VAL B 206 41.73 18.04 -1.97
CA VAL B 206 41.69 16.97 -2.94
C VAL B 206 40.42 17.00 -3.75
N PHE B 207 40.58 16.89 -5.06
CA PHE B 207 39.45 16.66 -5.94
C PHE B 207 39.58 15.29 -6.57
N GLN B 208 38.45 14.60 -6.63
CA GLN B 208 38.48 13.19 -7.01
C GLN B 208 37.24 12.80 -7.80
N ILE B 209 37.43 11.90 -8.76
CA ILE B 209 36.34 11.22 -9.43
C ILE B 209 36.66 9.75 -9.42
N THR B 210 35.67 8.93 -9.08
CA THR B 210 35.86 7.50 -8.94
C THR B 210 35.05 6.83 -10.02
N GLN B 211 35.61 5.79 -10.63
CA GLN B 211 34.90 5.06 -11.65
C GLN B 211 35.50 3.68 -11.87
N ASP B 212 34.65 2.72 -12.23
CA ASP B 212 35.10 1.37 -12.53
C ASP B 212 36.08 1.39 -13.69
N THR B 213 37.00 0.43 -13.72
CA THR B 213 38.08 0.46 -14.71
C THR B 213 37.58 0.31 -16.14
N ARG B 214 36.31 -0.10 -16.29
CA ARG B 214 35.71 -0.21 -17.62
C ARG B 214 35.73 1.10 -18.39
N ASP B 215 35.86 2.21 -17.66
CA ASP B 215 35.89 3.53 -18.27
C ASP B 215 37.19 4.27 -17.93
N ILE B 216 38.30 3.54 -17.82
CA ILE B 216 39.58 4.15 -17.46
C ILE B 216 39.99 5.11 -18.56
N GLU B 217 39.61 4.80 -19.80
CA GLU B 217 39.92 5.64 -20.95
C GLU B 217 39.31 7.02 -20.81
N LEU B 218 38.05 7.04 -20.38
CA LEU B 218 37.32 8.28 -20.12
C LEU B 218 37.99 9.11 -19.04
N MET B 219 38.42 8.46 -17.97
CA MET B 219 39.06 9.14 -16.85
C MET B 219 40.36 9.83 -17.30
N LYS B 220 41.13 9.14 -18.13
CA LYS B 220 42.36 9.64 -18.73
C LYS B 220 42.02 10.80 -19.66
N ASN B 221 40.89 10.67 -20.35
CA ASN B 221 40.40 11.74 -21.20
C ASN B 221 39.93 12.97 -20.41
N LEU B 222 39.40 12.73 -19.23
CA LEU B 222 38.96 13.79 -18.32
C LEU B 222 40.11 14.60 -17.75
N ILE B 223 41.23 13.94 -17.55
CA ILE B 223 42.46 14.58 -17.07
C ILE B 223 42.95 15.54 -18.13
N SER B 224 42.92 15.10 -19.38
CA SER B 224 43.31 15.93 -20.51
C SER B 224 42.36 17.13 -20.62
N TYR B 225 41.08 16.91 -20.37
CA TYR B 225 40.08 17.96 -20.56
C TYR B 225 40.26 19.04 -19.50
N LEU B 226 40.55 18.64 -18.27
CA LEU B 226 40.75 19.59 -17.17
C LEU B 226 42.20 20.06 -17.11
N ASN B 227 43.07 19.36 -17.83
CA ASN B 227 44.49 19.68 -17.92
C ASN B 227 45.22 19.50 -16.60
N CYS B 228 44.72 18.60 -15.75
CA CYS B 228 45.36 18.27 -14.49
C CYS B 228 44.85 16.96 -13.93
N GLY B 229 45.48 16.50 -12.85
CA GLY B 229 45.06 15.29 -12.16
C GLY B 229 45.90 14.09 -12.53
N ASN B 230 45.92 13.08 -11.65
CA ASN B 230 46.57 11.81 -11.95
C ASN B 230 45.61 10.62 -11.91
N ILE B 231 45.94 9.56 -12.65
CA ILE B 231 45.17 8.32 -12.59
C ILE B 231 45.70 7.39 -11.50
N ARG B 232 44.80 6.93 -10.65
CA ARG B 232 45.10 5.96 -9.60
C ARG B 232 44.32 4.64 -9.67
N ILE B 233 45.03 3.52 -9.70
CA ILE B 233 44.38 2.21 -9.70
C ILE B 233 44.57 1.70 -8.27
N ARG B 234 43.47 1.37 -7.59
CA ARG B 234 43.54 0.74 -6.27
C ARG B 234 43.85 -0.75 -6.22
N LYS B 235 43.89 -1.24 -4.98
CA LYS B 235 44.16 -2.63 -4.59
C LYS B 235 43.58 -3.66 -5.57
N THR B 245 39.75 -2.76 -10.26
CA THR B 245 38.31 -2.65 -10.05
C THR B 245 37.83 -1.22 -10.30
N CYS B 246 38.17 -0.31 -9.39
CA CYS B 246 37.93 1.10 -9.63
C CYS B 246 39.21 1.91 -9.89
N VAL B 247 39.03 2.99 -10.63
CA VAL B 247 40.05 4.00 -10.90
C VAL B 247 39.64 5.34 -10.28
N ASP B 248 40.58 6.07 -9.68
CA ASP B 248 40.30 7.42 -9.24
C ASP B 248 41.09 8.46 -10.05
N LEU B 249 40.40 9.51 -10.49
CA LEU B 249 41.04 10.73 -10.93
C LEU B 249 41.28 11.61 -9.72
N VAL B 250 42.55 11.92 -9.45
CA VAL B 250 42.90 12.71 -8.27
C VAL B 250 43.71 13.96 -8.57
N VAL B 251 43.21 15.12 -8.14
CA VAL B 251 43.96 16.37 -8.22
C VAL B 251 44.41 16.83 -6.84
N THR B 252 45.72 16.88 -6.64
CA THR B 252 46.29 17.28 -5.35
C THR B 252 47.14 18.54 -5.46
N ASN B 253 47.62 18.82 -6.67
CA ASN B 253 48.42 20.01 -6.94
C ASN B 253 47.61 21.27 -6.60
N LEU B 254 48.18 22.10 -5.75
CA LEU B 254 47.50 23.27 -5.20
C LEU B 254 47.12 24.30 -6.26
N ASN B 255 48.01 24.60 -7.19
CA ASN B 255 47.62 25.53 -8.25
C ASN B 255 47.04 24.90 -9.52
N ASP B 256 46.80 23.59 -9.52
CA ASP B 256 45.82 23.02 -10.44
C ASP B 256 44.40 23.27 -9.95
N ILE B 257 44.24 23.15 -8.63
CA ILE B 257 42.99 23.39 -7.95
C ILE B 257 42.59 24.85 -8.07
N LYS B 258 43.57 25.72 -7.84
CA LYS B 258 43.37 27.17 -7.87
C LYS B 258 43.02 27.69 -9.26
N GLU B 259 43.72 27.23 -10.29
CA GLU B 259 43.58 27.85 -11.60
C GLU B 259 42.78 27.02 -12.60
N LYS B 260 42.42 25.81 -12.23
CA LYS B 260 41.64 24.95 -13.13
C LYS B 260 40.34 24.42 -12.54
N ILE B 261 40.44 23.63 -11.48
CA ILE B 261 39.27 23.01 -10.87
C ILE B 261 38.24 24.01 -10.31
N ILE B 262 38.69 24.92 -9.46
CA ILE B 262 37.76 25.89 -8.86
C ILE B 262 37.14 26.83 -9.91
N PRO B 263 37.94 27.38 -10.85
CA PRO B 263 37.32 28.20 -11.89
C PRO B 263 36.34 27.41 -12.75
N PHE B 264 36.68 26.15 -13.03
CA PHE B 264 35.82 25.29 -13.84
C PHE B 264 34.45 25.09 -13.22
N PHE B 265 34.43 24.74 -11.94
CA PHE B 265 33.18 24.37 -11.27
C PHE B 265 32.47 25.63 -10.81
N ASN B 266 33.15 26.77 -10.97
CA ASN B 266 32.54 28.06 -10.71
C ASN B 266 31.64 28.41 -11.88
N LYS B 267 32.08 28.00 -13.07
CA LYS B 267 31.32 28.21 -14.31
C LYS B 267 30.33 27.06 -14.57
N ASN B 268 30.76 25.85 -14.23
CA ASN B 268 29.92 24.67 -14.38
C ASN B 268 29.49 24.12 -13.02
N HIS B 269 28.29 24.50 -12.60
CA HIS B 269 27.90 24.41 -11.20
C HIS B 269 27.62 22.98 -10.76
N ILE B 270 28.14 22.62 -9.59
CA ILE B 270 27.75 21.39 -8.90
C ILE B 270 26.32 21.49 -8.39
N ILE B 271 25.57 20.39 -8.49
CA ILE B 271 24.22 20.35 -7.95
C ILE B 271 24.15 19.41 -6.75
N GLY B 272 23.10 19.57 -5.94
CA GLY B 272 22.85 18.70 -4.82
C GLY B 272 23.63 19.11 -3.59
N VAL B 273 23.51 18.33 -2.51
CA VAL B 273 24.20 18.62 -1.27
C VAL B 273 25.71 18.77 -1.45
N LYS B 274 26.26 18.06 -2.43
CA LYS B 274 27.70 18.12 -2.72
C LYS B 274 28.17 19.53 -3.08
N LEU B 275 27.24 20.40 -3.48
CA LEU B 275 27.55 21.79 -3.76
C LEU B 275 28.01 22.51 -2.51
N GLN B 276 27.39 22.17 -1.38
CA GLN B 276 27.75 22.77 -0.11
C GLN B 276 29.14 22.30 0.28
N ASP B 277 29.44 21.04 -0.03
CA ASP B 277 30.76 20.49 0.23
C ASP B 277 31.81 21.20 -0.63
N TYR B 278 31.47 21.47 -1.89
CA TYR B 278 32.35 22.22 -2.79
C TYR B 278 32.70 23.60 -2.26
N ARG B 279 31.68 24.32 -1.82
CA ARG B 279 31.88 25.68 -1.29
C ARG B 279 32.81 25.65 -0.07
N ASP B 280 32.56 24.75 0.86
CA ASP B 280 33.43 24.59 2.02
C ASP B 280 34.85 24.21 1.57
N TRP B 281 34.90 23.29 0.61
CA TRP B 281 36.16 22.83 0.02
C TRP B 281 36.94 23.97 -0.61
N CYS B 282 36.24 24.83 -1.34
CA CYS B 282 36.82 26.03 -1.93
C CYS B 282 37.44 26.93 -0.86
N LYS B 283 36.71 27.06 0.23
CA LYS B 283 37.07 27.90 1.37
C LYS B 283 38.35 27.40 2.04
N VAL B 284 38.48 26.09 2.18
CA VAL B 284 39.67 25.54 2.79
C VAL B 284 40.89 25.79 1.86
N VAL B 285 40.67 25.70 0.55
CA VAL B 285 41.76 25.98 -0.39
C VAL B 285 42.35 27.40 -0.30
N THR B 286 41.51 28.41 -0.12
CA THR B 286 42.00 29.77 0.09
C THR B 286 42.87 29.80 1.35
N LEU B 287 42.36 29.21 2.43
CA LEU B 287 43.08 29.10 3.69
C LEU B 287 44.42 28.39 3.49
N ILE B 288 44.44 27.34 2.68
CA ILE B 288 45.67 26.61 2.40
C ILE B 288 46.60 27.55 1.63
N ASP B 289 46.03 28.19 0.62
CA ASP B 289 46.77 29.15 -0.21
C ASP B 289 47.40 30.25 0.63
N ASN B 290 46.76 30.59 1.75
CA ASN B 290 47.32 31.63 2.61
C ASN B 290 48.14 31.03 3.73
N LYS B 291 48.51 29.76 3.57
CA LYS B 291 49.46 29.12 4.48
C LYS B 291 48.98 29.02 5.94
N GLU B 292 47.68 29.20 6.15
CA GLU B 292 47.13 29.15 7.51
C GLU B 292 47.11 27.72 8.04
N HIS B 293 47.23 26.76 7.12
CA HIS B 293 47.31 25.36 7.46
C HIS B 293 48.65 25.02 8.11
N LEU B 294 49.59 25.97 8.02
CA LEU B 294 50.95 25.77 8.59
C LEU B 294 50.95 26.19 10.08
N THR B 295 49.85 26.74 10.58
CA THR B 295 49.78 27.17 12.01
C THR B 295 48.80 26.29 12.77
N SER B 296 49.06 26.01 14.04
CA SER B 296 48.15 25.15 14.83
C SER B 296 46.68 25.58 14.84
N GLU B 297 46.44 26.85 15.11
CA GLU B 297 45.10 27.42 15.17
C GLU B 297 44.38 27.26 13.81
N GLY B 298 45.13 27.62 12.77
CA GLY B 298 44.66 27.52 11.41
C GLY B 298 44.36 26.08 11.08
N LEU B 299 45.20 25.16 11.56
CA LEU B 299 44.95 23.74 11.32
C LEU B 299 43.63 23.31 11.97
N GLU B 300 43.38 23.83 13.17
CA GLU B 300 42.11 23.63 13.87
C GLU B 300 40.96 24.18 13.04
N LYS B 301 41.17 25.38 12.49
CA LYS B 301 40.19 26.02 11.61
C LYS B 301 39.83 25.05 10.49
N ILE B 302 40.85 24.53 9.82
CA ILE B 302 40.68 23.64 8.68
C ILE B 302 39.97 22.36 9.09
N GLN B 303 40.42 21.76 10.18
CA GLN B 303 39.79 20.58 10.78
C GLN B 303 38.29 20.72 11.06
N LYS B 304 37.90 21.87 11.60
CA LYS B 304 36.50 22.12 11.92
C LYS B 304 35.64 22.10 10.66
N ILE B 305 36.15 22.72 9.60
CA ILE B 305 35.45 22.73 8.33
C ILE B 305 35.35 21.33 7.73
N LYS B 306 36.47 20.61 7.72
CA LYS B 306 36.48 19.24 7.19
C LYS B 306 35.46 18.34 7.89
N GLU B 307 35.37 18.48 9.21
CA GLU B 307 34.48 17.65 10.02
C GLU B 307 33.02 17.93 9.71
N GLY B 308 32.76 19.07 9.08
CA GLY B 308 31.42 19.46 8.72
C GLY B 308 31.12 19.23 7.25
N MET B 309 32.03 18.55 6.56
CA MET B 309 31.87 18.30 5.14
C MET B 309 31.49 16.85 4.87
N ASN B 310 30.87 16.64 3.71
CA ASN B 310 30.58 15.30 3.22
C ASN B 310 29.83 14.46 4.26
N ARG B 311 30.43 13.33 4.62
CA ARG B 311 29.81 12.40 5.55
C ARG B 311 29.58 13.00 6.94
N GLY B 312 30.37 14.01 7.29
CA GLY B 312 30.21 14.65 8.59
C GLY B 312 29.12 15.71 8.59
N ARG B 313 28.54 15.96 7.43
CA ARG B 313 27.45 16.92 7.31
C ARG B 313 26.17 16.33 7.90
N SER B 314 25.47 17.11 8.70
CA SER B 314 24.29 16.61 9.40
C SER B 314 23.07 16.57 8.49
N ASN C 16 48.52 15.46 55.83
CA ASN C 16 49.82 14.89 55.46
C ASN C 16 49.67 13.55 54.75
N ILE C 17 50.38 13.39 53.63
CA ILE C 17 50.30 12.19 52.81
C ILE C 17 50.88 10.95 53.52
N SER C 18 50.27 9.80 53.24
CA SER C 18 50.70 8.51 53.80
C SER C 18 51.88 7.93 53.03
N PRO C 19 52.77 7.18 53.72
CA PRO C 19 53.93 6.59 53.04
C PRO C 19 53.54 5.61 51.93
N TRP C 20 52.47 4.85 52.15
CA TRP C 20 52.01 3.89 51.15
C TRP C 20 51.38 4.59 49.96
N THR C 21 50.80 5.76 50.20
CA THR C 21 50.29 6.59 49.12
C THR C 21 51.44 7.01 48.22
N ILE C 22 52.55 7.39 48.85
CA ILE C 22 53.74 7.79 48.12
C ILE C 22 54.24 6.64 47.27
N THR C 23 54.34 5.46 47.88
CA THR C 23 54.81 4.28 47.17
C THR C 23 53.85 3.90 46.04
N GLY C 24 52.56 3.99 46.32
CA GLY C 24 51.56 3.71 45.31
C GLY C 24 51.67 4.70 44.15
N PHE C 25 51.86 5.96 44.50
CA PHE C 25 52.03 7.02 43.52
C PHE C 25 53.32 6.88 42.73
N ALA C 26 54.38 6.45 43.40
CA ALA C 26 55.66 6.22 42.73
C ALA C 26 55.59 5.02 41.79
N ASP C 27 54.90 3.98 42.23
CA ASP C 27 54.60 2.84 41.38
C ASP C 27 53.97 3.33 40.07
N ALA C 28 53.15 4.36 40.19
CA ALA C 28 52.49 4.97 39.04
C ALA C 28 53.39 5.96 38.27
N GLU C 29 53.93 6.96 38.97
CA GLU C 29 54.52 8.11 38.27
C GLU C 29 56.04 8.25 38.34
N SER C 30 56.71 7.39 39.09
CA SER C 30 58.14 7.63 39.32
C SER C 30 59.03 6.95 38.29
N SER C 31 60.29 7.36 38.27
CA SER C 31 61.30 6.70 37.44
C SER C 31 62.63 6.53 38.18
N PHE C 32 63.22 5.35 38.07
CA PHE C 32 64.57 5.13 38.58
C PHE C 32 65.52 5.10 37.39
N MET C 33 66.58 5.91 37.44
CA MET C 33 67.41 6.11 36.26
C MET C 33 68.91 6.06 36.54
N LEU C 34 69.66 5.62 35.54
CA LEU C 34 71.11 5.68 35.58
C LEU C 34 71.61 6.34 34.32
N THR C 35 72.28 7.49 34.48
CA THR C 35 72.88 8.15 33.34
C THR C 35 74.36 7.83 33.29
N VAL C 36 74.81 7.31 32.15
CA VAL C 36 76.22 7.07 31.96
C VAL C 36 76.67 7.86 30.73
N SER C 37 77.32 8.99 30.98
CA SER C 37 77.68 9.89 29.89
C SER C 37 79.19 9.97 29.81
N LYS C 38 79.70 9.90 28.58
CA LYS C 38 81.13 10.05 28.34
C LYS C 38 81.73 11.37 28.79
N ASP C 39 82.85 11.28 29.50
CA ASP C 39 83.49 12.48 30.02
C ASP C 39 84.99 12.17 30.11
N SER C 40 85.73 12.82 29.22
CA SER C 40 87.18 12.68 29.10
C SER C 40 87.92 13.13 30.35
N LYS C 41 87.32 14.08 31.07
CA LYS C 41 87.98 14.73 32.19
C LYS C 41 88.01 13.78 33.38
N ARG C 42 87.24 12.71 33.29
CA ARG C 42 87.18 11.76 34.37
C ARG C 42 88.19 10.65 34.04
N ASN C 43 88.74 10.02 35.07
CA ASN C 43 89.76 8.99 34.90
C ASN C 43 89.27 7.74 34.20
N THR C 44 87.99 7.39 34.40
CA THR C 44 87.43 6.25 33.71
C THR C 44 86.97 6.65 32.30
N GLY C 45 86.85 7.95 32.08
CA GLY C 45 86.36 8.44 30.81
C GLY C 45 84.85 8.51 30.79
N TRP C 46 84.24 8.17 31.92
CA TRP C 46 82.78 8.14 32.01
C TRP C 46 82.20 8.77 33.27
N SER C 47 81.01 9.33 33.12
CA SER C 47 80.27 9.86 34.25
C SER C 47 79.11 8.94 34.56
N VAL C 48 78.99 8.54 35.81
CA VAL C 48 77.92 7.64 36.21
C VAL C 48 77.09 8.24 37.34
N ARG C 49 75.77 8.27 37.19
CA ARG C 49 74.97 8.82 38.28
C ARG C 49 73.59 8.19 38.37
N PRO C 50 73.11 7.99 39.61
CA PRO C 50 71.79 7.43 39.84
C PRO C 50 70.78 8.56 40.03
N ARG C 51 69.52 8.33 39.65
CA ARG C 51 68.49 9.35 39.85
C ARG C 51 67.16 8.75 40.26
N PHE C 52 66.45 9.43 41.14
CA PHE C 52 65.05 9.10 41.36
C PHE C 52 64.25 10.37 41.13
N ARG C 53 63.18 10.27 40.36
CA ARG C 53 62.44 11.46 39.96
C ARG C 53 60.95 11.15 39.76
N ILE C 54 60.12 12.14 40.08
CA ILE C 54 58.72 12.10 39.69
C ILE C 54 58.40 13.37 38.92
N GLY C 55 57.78 13.23 37.75
CA GLY C 55 57.45 14.38 36.95
C GLY C 55 55.98 14.41 36.59
N LEU C 56 55.36 15.58 36.78
CA LEU C 56 53.93 15.73 36.64
C LEU C 56 53.62 17.02 35.89
N HIS C 57 52.37 17.19 35.51
CA HIS C 57 51.91 18.47 34.99
C HIS C 57 52.11 19.54 36.06
N ASN C 58 52.45 20.75 35.64
CA ASN C 58 52.60 21.90 36.53
C ASN C 58 51.47 22.07 37.54
N LYS C 59 50.24 21.73 37.15
CA LYS C 59 49.10 21.93 38.03
C LYS C 59 49.17 21.10 39.32
N ASP C 60 50.03 20.09 39.34
CA ASP C 60 50.10 19.17 40.47
C ASP C 60 51.42 19.25 41.24
N VAL C 61 52.09 20.40 41.20
CA VAL C 61 53.28 20.65 42.02
C VAL C 61 53.04 20.36 43.50
N THR C 62 51.83 20.64 43.96
CA THR C 62 51.45 20.43 45.35
C THR C 62 51.65 18.98 45.81
N ILE C 63 51.44 18.03 44.91
CA ILE C 63 51.68 16.62 45.25
C ILE C 63 53.16 16.41 45.59
N LEU C 64 54.02 16.97 44.76
CA LEU C 64 55.46 16.84 44.94
C LEU C 64 55.94 17.45 46.25
N LYS C 65 55.34 18.58 46.63
CA LYS C 65 55.70 19.24 47.88
C LYS C 65 55.33 18.36 49.07
N SER C 66 54.20 17.67 48.96
CA SER C 66 53.75 16.78 50.03
C SER C 66 54.76 15.65 50.17
N ILE C 67 55.20 15.12 49.01
CA ILE C 67 56.20 14.06 49.00
C ILE C 67 57.49 14.63 49.57
N ARG C 68 57.85 15.81 49.11
CA ARG C 68 59.04 16.49 49.62
C ARG C 68 59.04 16.75 51.11
N GLU C 69 57.89 17.22 51.60
CA GLU C 69 57.73 17.57 53.01
C GLU C 69 57.80 16.35 53.91
N TYR C 70 57.23 15.25 53.42
CA TYR C 70 57.26 13.99 54.14
C TYR C 70 58.67 13.46 54.34
N LEU C 71 59.45 13.42 53.26
CA LEU C 71 60.73 12.72 53.29
C LEU C 71 61.81 13.67 53.80
N GLY C 72 61.55 14.96 53.71
CA GLY C 72 62.53 15.96 54.07
C GLY C 72 63.68 16.05 53.10
N ALA C 73 63.40 15.74 51.84
CA ALA C 73 64.42 15.68 50.81
C ALA C 73 63.77 15.71 49.44
N GLY C 74 64.56 16.04 48.42
CA GLY C 74 64.05 16.13 47.06
C GLY C 74 64.08 17.56 46.60
N ILE C 75 64.37 17.77 45.32
CA ILE C 75 64.41 19.11 44.78
C ILE C 75 63.28 19.29 43.78
N ILE C 76 62.44 20.28 44.04
CA ILE C 76 61.29 20.53 43.19
C ILE C 76 61.54 21.67 42.20
N THR C 77 61.18 21.45 40.94
CA THR C 77 61.29 22.50 39.94
C THR C 77 59.98 22.59 39.16
N SER C 78 59.68 23.78 38.65
CA SER C 78 58.49 23.98 37.84
C SER C 78 58.79 24.92 36.68
N ASP C 79 58.69 24.38 35.47
CA ASP C 79 58.86 25.14 34.24
C ASP C 79 57.90 24.59 33.18
N ILE C 80 58.36 23.79 32.23
CA ILE C 80 57.41 23.22 31.27
C ILE C 80 56.66 22.05 31.91
N ASP C 81 57.23 21.48 32.97
CA ASP C 81 56.53 20.52 33.79
C ASP C 81 56.96 20.66 35.25
N ALA C 82 56.37 19.86 36.14
CA ALA C 82 56.78 19.90 37.54
C ALA C 82 57.52 18.62 37.90
N ARG C 83 58.66 18.77 38.57
CA ARG C 83 59.49 17.61 38.88
C ARG C 83 60.01 17.67 40.31
N ILE C 84 60.06 16.53 40.97
CA ILE C 84 60.88 16.39 42.16
C ILE C 84 61.99 15.39 41.88
N ARG C 85 63.21 15.76 42.22
CA ARG C 85 64.37 14.94 41.90
C ARG C 85 65.29 14.62 43.08
N PHE C 86 65.89 13.44 43.02
CA PHE C 86 66.83 12.98 44.03
C PHE C 86 68.08 12.52 43.30
N GLU C 87 69.20 13.21 43.50
CA GLU C 87 70.39 12.90 42.72
C GLU C 87 71.65 12.79 43.57
N SER C 88 71.66 13.49 44.69
CA SER C 88 72.78 13.45 45.62
C SER C 88 72.74 12.19 46.48
N LEU C 89 73.90 11.77 46.98
CA LEU C 89 73.98 10.55 47.78
C LEU C 89 73.11 10.66 49.03
N LYS C 90 73.09 11.84 49.64
CA LYS C 90 72.26 12.09 50.80
C LYS C 90 70.76 11.93 50.52
N GLU C 91 70.32 12.45 49.39
CA GLU C 91 68.92 12.37 48.97
C GLU C 91 68.46 10.97 48.60
N LEU C 92 69.29 10.25 47.87
CA LEU C 92 68.95 8.92 47.42
C LEU C 92 68.85 7.92 48.56
N GLU C 93 69.63 8.13 49.61
CA GLU C 93 69.56 7.30 50.81
C GLU C 93 68.17 7.37 51.43
N VAL C 94 67.60 8.58 51.49
CA VAL C 94 66.24 8.80 51.98
C VAL C 94 65.26 8.01 51.12
N VAL C 95 65.50 8.06 49.82
CA VAL C 95 64.70 7.34 48.82
C VAL C 95 64.80 5.84 49.06
N ILE C 96 66.03 5.36 49.25
CA ILE C 96 66.27 3.95 49.49
C ILE C 96 65.60 3.47 50.78
N ASN C 97 65.69 4.28 51.83
CA ASN C 97 65.08 3.94 53.12
C ASN C 97 63.56 3.78 53.07
N HIS C 98 62.89 4.65 52.32
CA HIS C 98 61.44 4.57 52.18
C HIS C 98 60.96 3.31 51.49
N PHE C 99 61.55 3.04 50.33
CA PHE C 99 61.09 1.94 49.49
C PHE C 99 61.50 0.57 50.04
N ASP C 100 62.52 0.55 50.90
CA ASP C 100 62.86 -0.67 51.62
C ASP C 100 61.77 -1.02 52.63
N LYS C 101 61.16 0.01 53.19
CA LYS C 101 60.12 -0.14 54.19
C LYS C 101 58.76 -0.31 53.54
N TYR C 102 58.57 0.42 52.45
CA TYR C 102 57.30 0.43 51.74
C TYR C 102 57.51 0.06 50.26
N PRO C 103 57.70 -1.25 49.98
CA PRO C 103 58.20 -1.67 48.65
C PRO C 103 57.19 -1.48 47.52
N LEU C 104 57.71 -1.10 46.36
CA LEU C 104 56.93 -1.07 45.13
C LEU C 104 56.41 -2.47 44.80
N ILE C 105 55.28 -2.56 44.10
CA ILE C 105 54.71 -3.87 43.76
C ILE C 105 54.37 -4.02 42.28
N THR C 106 54.56 -2.95 41.51
CA THR C 106 54.52 -3.06 40.06
C THR C 106 55.88 -3.56 39.56
N GLN C 107 56.01 -3.68 38.24
CA GLN C 107 57.26 -4.10 37.61
C GLN C 107 58.41 -3.15 37.93
N LYS C 108 58.06 -1.96 38.42
CA LYS C 108 59.04 -0.97 38.86
C LYS C 108 59.90 -1.47 40.01
N ARG C 109 59.44 -2.52 40.71
CA ARG C 109 60.29 -3.18 41.70
C ARG C 109 61.62 -3.66 41.15
N ALA C 110 61.61 -4.16 39.92
CA ALA C 110 62.83 -4.66 39.32
C ALA C 110 63.77 -3.53 38.98
N ASP C 111 63.20 -2.43 38.51
CA ASP C 111 63.97 -1.23 38.23
C ASP C 111 64.60 -0.67 39.50
N TYR C 112 63.84 -0.69 40.59
CA TYR C 112 64.33 -0.19 41.86
C TYR C 112 65.54 -0.97 42.36
N LEU C 113 65.48 -2.29 42.19
CA LEU C 113 66.51 -3.18 42.71
C LEU C 113 67.83 -3.02 41.94
N LEU C 114 67.71 -2.82 40.63
CA LEU C 114 68.86 -2.52 39.78
C LEU C 114 69.42 -1.19 40.25
N PHE C 115 68.51 -0.24 40.44
CA PHE C 115 68.83 1.09 40.93
C PHE C 115 69.55 0.99 42.28
N LYS C 116 69.10 0.10 43.15
CA LYS C 116 69.70 0.01 44.48
C LYS C 116 71.12 -0.53 44.40
N LYS C 117 71.30 -1.51 43.52
CA LYS C 117 72.62 -2.10 43.31
C LYS C 117 73.63 -1.11 42.73
N ALA C 118 73.19 -0.30 41.78
CA ALA C 118 74.09 0.69 41.18
C ALA C 118 74.50 1.76 42.17
N PHE C 119 73.52 2.21 42.95
CA PHE C 119 73.71 3.22 43.98
C PHE C 119 74.73 2.85 45.04
N TYR C 120 74.67 1.59 45.45
CA TYR C 120 75.54 1.06 46.48
C TYR C 120 76.98 1.04 45.95
N LEU C 121 77.12 0.57 44.71
CA LEU C 121 78.39 0.53 43.99
C LEU C 121 79.01 1.93 43.91
N ILE C 122 78.20 2.94 43.63
CA ILE C 122 78.74 4.29 43.51
C ILE C 122 79.15 4.82 44.89
N LYS C 123 78.29 4.61 45.88
CA LYS C 123 78.55 5.03 47.26
C LYS C 123 79.86 4.45 47.87
N ASN C 124 80.16 3.22 47.52
CA ASN C 124 81.31 2.48 48.02
C ASN C 124 82.51 2.74 47.10
N LYS C 125 82.29 3.66 46.17
CA LYS C 125 83.26 4.19 45.22
C LYS C 125 83.81 3.20 44.18
N GLU C 126 83.13 2.09 43.99
CA GLU C 126 83.52 1.12 42.96
C GLU C 126 83.26 1.57 41.52
N HIS C 127 82.43 2.59 41.33
CA HIS C 127 82.19 3.08 39.97
C HIS C 127 83.42 3.82 39.42
N LEU C 128 84.37 4.11 40.29
CA LEU C 128 85.57 4.87 39.91
C LEU C 128 86.70 3.95 39.42
N THR C 129 86.39 2.67 39.24
CA THR C 129 87.33 1.67 38.74
C THR C 129 86.79 1.23 37.40
N GLU C 130 87.64 0.68 36.54
CA GLU C 130 87.20 0.23 35.22
C GLU C 130 86.30 -0.99 35.33
N GLU C 131 86.28 -1.60 36.51
CA GLU C 131 85.45 -2.78 36.75
C GLU C 131 84.14 -2.41 37.43
N GLY C 132 83.03 -2.78 36.82
CA GLY C 132 81.72 -2.49 37.36
C GLY C 132 81.15 -1.19 36.83
N LEU C 133 82.01 -0.46 36.18
CA LEU C 133 81.56 0.72 35.56
C LEU C 133 80.69 -0.08 34.64
N ASN C 134 81.31 -0.77 33.66
CA ASN C 134 81.17 -2.22 33.37
C ASN C 134 79.92 -2.74 33.99
N GLN C 135 80.10 -3.43 35.08
CA GLN C 135 79.02 -3.72 36.04
C GLN C 135 77.93 -2.65 36.22
N ILE C 136 78.26 -1.35 36.27
CA ILE C 136 77.18 -0.37 36.39
C ILE C 136 76.28 -0.56 35.17
N LEU C 137 76.93 -0.70 34.04
CA LEU C 137 76.27 -0.95 32.76
C LEU C 137 75.45 -2.23 32.65
N THR C 138 75.89 -3.32 33.27
CA THR C 138 75.07 -4.53 33.25
C THR C 138 73.75 -4.22 33.93
N LEU C 139 73.81 -3.37 34.95
CA LEU C 139 72.60 -2.96 35.65
C LEU C 139 71.74 -2.06 34.75
N LYS C 140 72.36 -1.07 34.13
CA LYS C 140 71.63 -0.16 33.24
C LYS C 140 71.03 -0.93 32.05
N ALA C 141 71.74 -1.97 31.61
CA ALA C 141 71.30 -2.75 30.46
C ALA C 141 69.94 -3.39 30.72
N SER C 142 69.68 -3.69 31.98
CA SER C 142 68.44 -4.36 32.37
C SER C 142 67.45 -3.38 32.98
N LEU C 143 67.87 -2.12 33.10
CA LEU C 143 67.07 -1.07 33.72
C LEU C 143 66.24 -0.31 32.70
N ASN C 144 64.92 -0.26 32.91
CA ASN C 144 64.01 0.43 32.00
C ASN C 144 64.24 0.07 30.54
N LEU C 145 64.62 1.07 29.76
CA LEU C 145 64.71 0.93 28.32
C LEU C 145 66.06 0.32 27.91
N GLY C 146 66.90 0.06 28.91
CA GLY C 146 68.17 -0.60 28.65
C GLY C 146 69.21 0.32 28.05
N LEU C 147 70.22 -0.25 27.40
CA LEU C 147 71.29 0.60 26.93
C LEU C 147 70.92 1.23 25.61
N SER C 148 71.22 2.53 25.51
CA SER C 148 71.16 3.28 24.28
C SER C 148 72.21 2.83 23.29
N GLU C 149 72.03 3.23 22.03
CA GLU C 149 73.05 2.97 21.03
C GLU C 149 74.34 3.64 21.54
N GLU C 150 75.40 3.62 20.75
CA GLU C 150 76.66 4.26 21.18
C GLU C 150 77.20 3.63 22.47
N LEU C 151 76.34 3.39 23.46
CA LEU C 151 76.80 2.76 24.69
C LEU C 151 77.13 1.31 24.41
N LYS C 152 76.33 0.69 23.55
CA LYS C 152 76.61 -0.67 23.07
C LYS C 152 77.96 -0.58 22.38
N GLU C 153 78.11 0.50 21.61
CA GLU C 153 79.33 0.81 20.88
C GLU C 153 80.47 1.10 21.84
N ALA C 154 80.15 1.79 22.94
CA ALA C 154 81.18 2.18 23.89
C ALA C 154 81.57 1.04 24.81
N PHE C 155 80.65 0.10 25.07
CA PHE C 155 81.00 -1.00 25.94
C PHE C 155 80.64 -2.36 25.39
N PRO C 156 81.26 -2.72 24.26
CA PRO C 156 80.95 -3.98 23.59
C PRO C 156 81.32 -5.14 24.49
N ASN C 157 80.34 -5.98 24.85
CA ASN C 157 80.41 -7.17 25.72
C ASN C 157 79.67 -7.04 27.06
N THR C 158 78.71 -6.13 27.13
CA THR C 158 77.94 -5.96 28.36
C THR C 158 76.97 -7.13 28.49
N ILE C 159 77.03 -7.93 29.54
CA ILE C 159 75.98 -8.93 29.67
C ILE C 159 74.98 -8.36 30.68
N PRO C 160 73.72 -8.16 30.24
CA PRO C 160 72.71 -7.51 31.07
C PRO C 160 72.43 -8.24 32.37
N ALA C 161 72.36 -7.49 33.46
CA ALA C 161 72.09 -8.06 34.78
C ALA C 161 70.75 -8.77 34.80
N GLU C 162 70.62 -9.75 35.70
CA GLU C 162 69.37 -10.49 35.83
C GLU C 162 68.31 -9.51 36.31
N ARG C 163 67.12 -9.56 35.72
CA ARG C 163 66.06 -8.65 36.15
C ARG C 163 65.00 -9.46 36.87
N LEU C 164 64.65 -9.06 38.09
CA LEU C 164 63.59 -9.75 38.78
C LEU C 164 62.31 -9.59 37.96
N LEU C 165 61.68 -10.69 37.56
CA LEU C 165 60.34 -10.59 37.01
C LEU C 165 59.41 -10.56 38.22
N VAL C 166 58.69 -9.46 38.40
CA VAL C 166 57.87 -9.27 39.60
C VAL C 166 56.52 -9.96 39.50
N THR C 167 56.24 -10.85 40.46
CA THR C 167 55.07 -11.71 40.48
C THR C 167 54.55 -12.07 41.87
N GLY C 168 53.28 -12.43 41.93
CA GLY C 168 52.66 -12.87 43.17
C GLY C 168 52.60 -11.79 44.23
N GLN C 169 52.42 -10.55 43.79
CA GLN C 169 52.45 -9.44 44.72
C GLN C 169 51.06 -9.14 45.24
N GLU C 170 50.97 -9.06 46.57
CA GLU C 170 49.73 -8.72 47.25
C GLU C 170 49.65 -7.21 47.38
N ILE C 171 48.43 -6.68 47.38
CA ILE C 171 48.23 -5.27 47.70
C ILE C 171 48.64 -5.04 49.15
N PRO C 172 49.70 -4.25 49.36
CA PRO C 172 50.32 -4.07 50.67
C PRO C 172 49.51 -3.20 51.61
N ASP C 173 48.65 -2.34 51.07
CA ASP C 173 47.95 -1.33 51.87
C ASP C 173 46.91 -0.60 51.03
N SER C 174 45.80 -0.22 51.68
CA SER C 174 44.73 0.50 51.01
C SER C 174 45.17 1.83 50.39
N ASN C 175 46.11 2.50 51.04
CA ASN C 175 46.63 3.78 50.55
C ASN C 175 47.51 3.64 49.32
N TRP C 176 48.07 2.45 49.12
CA TRP C 176 48.81 2.17 47.90
C TRP C 176 47.85 2.32 46.72
N VAL C 177 46.65 1.75 46.86
CA VAL C 177 45.65 1.84 45.82
C VAL C 177 45.27 3.29 45.56
N ALA C 178 45.10 4.07 46.62
CA ALA C 178 44.78 5.48 46.48
C ALA C 178 45.89 6.21 45.74
N GLY C 179 47.14 5.92 46.10
CA GLY C 179 48.29 6.53 45.45
C GLY C 179 48.42 6.10 44.01
N PHE C 180 48.25 4.80 43.78
CA PHE C 180 48.33 4.24 42.44
C PHE C 180 47.27 4.84 41.52
N THR C 181 46.07 5.00 42.06
CA THR C 181 44.95 5.53 41.29
C THR C 181 45.14 7.01 41.05
N ALA C 182 45.78 7.69 42.01
CA ALA C 182 46.05 9.10 41.82
C ALA C 182 46.99 9.34 40.64
N GLY C 183 47.86 8.38 40.32
CA GLY C 183 48.69 8.55 39.14
C GLY C 183 48.04 8.08 37.85
N ASP C 184 47.61 6.82 37.84
CA ASP C 184 47.16 6.17 36.60
C ASP C 184 45.65 6.00 36.53
N GLY C 185 44.96 6.37 37.61
CA GLY C 185 43.53 6.10 37.72
C GLY C 185 42.73 7.18 37.03
N SER C 186 41.46 6.88 36.77
CA SER C 186 40.55 7.86 36.18
C SER C 186 39.12 7.80 36.68
N PHE C 187 38.57 8.96 37.04
CA PHE C 187 37.16 9.07 37.40
C PHE C 187 36.42 9.89 36.34
N TYR C 188 35.65 9.23 35.48
CA TYR C 188 34.95 9.97 34.43
C TYR C 188 33.50 9.52 34.29
N ILE C 189 32.69 10.40 33.70
CA ILE C 189 31.28 10.15 33.43
C ILE C 189 31.09 9.88 31.94
N ARG C 190 30.56 8.70 31.61
CA ARG C 190 30.34 8.32 30.22
C ARG C 190 28.92 8.61 29.74
N ILE C 191 28.85 9.35 28.64
CA ILE C 191 27.58 9.65 27.99
C ILE C 191 27.59 9.04 26.59
N ALA C 192 26.63 8.16 26.32
CA ALA C 192 26.56 7.48 25.04
C ALA C 192 25.31 7.81 24.25
N LYS C 193 25.47 8.20 22.99
CA LYS C 193 24.32 8.44 22.15
C LYS C 193 23.59 7.13 21.92
N ASN C 194 22.30 7.12 22.24
CA ASN C 194 21.49 5.92 22.22
C ASN C 194 20.04 6.35 22.13
N SER C 195 19.42 6.15 20.97
CA SER C 195 18.09 6.68 20.73
C SER C 195 17.03 6.01 21.63
N THR C 196 17.35 4.81 22.11
CA THR C 196 16.43 4.04 22.95
C THR C 196 16.26 4.56 24.39
N LEU C 197 16.97 5.61 24.75
CA LEU C 197 16.77 6.27 26.05
C LEU C 197 15.99 7.56 25.93
N LYS C 198 15.18 7.84 26.94
CA LYS C 198 14.30 9.01 26.88
C LYS C 198 15.03 10.32 26.64
N THR C 199 16.15 10.49 27.31
CA THR C 199 16.94 11.71 27.18
C THR C 199 17.74 11.72 25.87
N GLY C 200 17.83 10.55 25.27
CA GLY C 200 18.63 10.33 24.07
C GLY C 200 20.05 9.91 24.38
N TYR C 201 20.37 9.81 25.66
CA TYR C 201 21.69 9.43 26.16
C TYR C 201 21.68 8.58 27.42
N GLN C 202 22.53 7.56 27.44
CA GLN C 202 22.86 6.87 28.67
C GLN C 202 23.93 7.63 29.44
N VAL C 203 23.78 7.65 30.77
CA VAL C 203 24.77 8.25 31.66
C VAL C 203 25.32 7.17 32.57
N GLN C 204 26.65 7.07 32.62
CA GLN C 204 27.32 6.05 33.40
C GLN C 204 28.47 6.65 34.20
N SER C 205 28.59 6.25 35.46
CA SER C 205 29.77 6.61 36.24
C SER C 205 30.82 5.52 36.14
N VAL C 206 32.05 5.93 35.85
CA VAL C 206 33.13 4.98 35.59
C VAL C 206 34.34 5.25 36.46
N PHE C 207 34.87 4.17 37.06
CA PHE C 207 36.16 4.25 37.71
C PHE C 207 37.09 3.36 36.92
N GLN C 208 38.32 3.84 36.71
CA GLN C 208 39.21 3.17 35.80
C GLN C 208 40.65 3.27 36.26
N ILE C 209 41.41 2.21 35.99
CA ILE C 209 42.85 2.24 36.13
C ILE C 209 43.48 1.67 34.88
N THR C 210 44.50 2.35 34.35
CA THR C 210 45.09 1.93 33.10
C THR C 210 46.53 1.51 33.40
N GLN C 211 46.97 0.43 32.77
CA GLN C 211 48.33 -0.02 32.94
C GLN C 211 48.76 -0.95 31.82
N ASP C 212 50.04 -0.91 31.48
CA ASP C 212 50.61 -1.78 30.47
C ASP C 212 50.42 -3.22 30.90
N THR C 213 50.34 -4.13 29.92
CA THR C 213 50.01 -5.55 30.20
C THR C 213 51.05 -6.26 31.04
N ARG C 214 52.24 -5.66 31.18
CA ARG C 214 53.30 -6.26 32.01
C ARG C 214 52.83 -6.48 33.44
N ASP C 215 51.80 -5.75 33.86
CA ASP C 215 51.26 -5.87 35.20
C ASP C 215 49.80 -6.28 35.22
N ILE C 216 49.37 -7.11 34.27
CA ILE C 216 47.99 -7.51 34.21
C ILE C 216 47.64 -8.32 35.46
N GLU C 217 48.63 -9.05 35.97
CA GLU C 217 48.43 -9.86 37.17
C GLU C 217 48.07 -8.98 38.35
N LEU C 218 48.80 -7.88 38.51
CA LEU C 218 48.50 -6.92 39.56
C LEU C 218 47.11 -6.36 39.38
N MET C 219 46.77 -6.01 38.14
CA MET C 219 45.47 -5.43 37.83
C MET C 219 44.29 -6.36 38.10
N LYS C 220 44.44 -7.64 37.74
CA LYS C 220 43.40 -8.62 38.01
C LYS C 220 43.24 -8.83 39.51
N ASN C 221 44.36 -8.77 40.22
CA ASN C 221 44.39 -8.86 41.67
C ASN C 221 43.73 -7.66 42.33
N LEU C 222 43.84 -6.50 41.68
CA LEU C 222 43.22 -5.26 42.18
C LEU C 222 41.71 -5.36 42.10
N ILE C 223 41.23 -6.07 41.08
CA ILE C 223 39.81 -6.32 40.92
C ILE C 223 39.33 -7.18 42.07
N SER C 224 40.12 -8.20 42.39
CA SER C 224 39.84 -9.08 43.52
C SER C 224 39.89 -8.31 44.84
N TYR C 225 40.83 -7.37 44.95
CA TYR C 225 41.06 -6.65 46.19
C TYR C 225 39.91 -5.68 46.47
N LEU C 226 39.42 -5.03 45.43
CA LEU C 226 38.31 -4.08 45.54
C LEU C 226 36.97 -4.79 45.43
N ASN C 227 37.01 -6.05 45.02
CA ASN C 227 35.83 -6.92 44.89
C ASN C 227 34.84 -6.47 43.82
N CYS C 228 35.35 -5.79 42.79
CA CYS C 228 34.54 -5.37 41.66
C CYS C 228 35.41 -5.00 40.47
N GLY C 229 34.77 -4.75 39.33
CA GLY C 229 35.49 -4.31 38.14
C GLY C 229 35.74 -5.41 37.13
N ASN C 230 35.97 -5.01 35.88
CA ASN C 230 36.38 -5.94 34.83
C ASN C 230 37.74 -5.58 34.22
N ILE C 231 38.43 -6.59 33.68
CA ILE C 231 39.66 -6.35 32.95
C ILE C 231 39.33 -6.11 31.48
N ARG C 232 39.87 -5.04 30.94
CA ARG C 232 39.72 -4.72 29.53
C ARG C 232 41.07 -4.66 28.84
N ILE C 233 41.22 -5.44 27.77
CA ILE C 233 42.45 -5.40 27.01
C ILE C 233 42.06 -4.58 25.80
N ARG C 234 42.76 -3.48 25.54
CA ARG C 234 42.53 -2.73 24.31
C ARG C 234 43.16 -3.32 23.07
N LYS C 235 42.95 -2.60 21.96
CA LYS C 235 43.46 -2.92 20.63
C LYS C 235 44.83 -3.58 20.61
N THR C 245 49.23 -3.94 24.75
CA THR C 245 49.49 -2.52 24.99
C THR C 245 49.05 -2.12 26.40
N CYS C 246 47.87 -1.53 26.54
CA CYS C 246 47.32 -1.26 27.86
C CYS C 246 46.14 -2.13 28.28
N VAL C 247 46.00 -2.27 29.59
CA VAL C 247 44.86 -2.93 30.20
C VAL C 247 44.10 -1.88 30.99
N ASP C 248 42.77 -1.92 30.96
CA ASP C 248 42.04 -1.06 31.86
C ASP C 248 41.29 -1.91 32.88
N LEU C 249 41.43 -1.51 34.15
CA LEU C 249 40.50 -1.95 35.19
C LEU C 249 39.32 -1.02 35.16
N VAL C 250 38.13 -1.56 34.89
CA VAL C 250 36.94 -0.73 34.78
C VAL C 250 35.82 -1.19 35.73
N VAL C 251 35.37 -0.28 36.58
CA VAL C 251 34.22 -0.52 37.42
C VAL C 251 33.05 0.31 36.89
N THR C 252 31.99 -0.36 36.45
CA THR C 252 30.83 0.32 35.90
C THR C 252 29.53 0.05 36.68
N ASN C 253 29.49 -1.05 37.43
CA ASN C 253 28.32 -1.39 38.24
C ASN C 253 27.99 -0.31 39.27
N LEU C 254 26.75 0.16 39.23
CA LEU C 254 26.31 1.30 40.03
C LEU C 254 26.43 0.96 41.51
N ASN C 255 26.02 -0.22 41.93
CA ASN C 255 26.26 -0.51 43.34
C ASN C 255 27.58 -1.21 43.60
N ASP C 256 28.43 -1.37 42.59
CA ASP C 256 29.84 -1.55 42.92
C ASP C 256 30.47 -0.19 43.26
N ILE C 257 30.08 0.84 42.52
CA ILE C 257 30.54 2.22 42.72
C ILE C 257 30.14 2.93 44.04
N LYS C 258 28.87 2.82 44.41
CA LYS C 258 28.32 3.46 45.62
C LYS C 258 28.90 2.87 46.92
N GLU C 259 28.99 1.55 46.99
CA GLU C 259 29.31 0.84 48.23
C GLU C 259 30.73 0.26 48.29
N LYS C 260 31.51 0.34 47.20
CA LYS C 260 32.87 -0.20 47.25
C LYS C 260 33.91 0.83 46.83
N ILE C 261 33.81 1.26 45.57
CA ILE C 261 34.76 2.21 45.01
C ILE C 261 34.73 3.53 45.75
N ILE C 262 33.56 4.13 45.87
CA ILE C 262 33.49 5.41 46.55
C ILE C 262 33.88 5.34 48.05
N PRO C 263 33.37 4.34 48.78
CA PRO C 263 33.79 4.25 50.18
C PRO C 263 35.28 4.04 50.40
N PHE C 264 35.91 3.26 49.53
CA PHE C 264 37.33 2.99 49.64
C PHE C 264 38.13 4.29 49.57
N PHE C 265 37.83 5.11 48.57
CA PHE C 265 38.62 6.31 48.31
C PHE C 265 38.18 7.51 49.19
N ASN C 266 37.10 7.38 49.99
CA ASN C 266 36.70 8.42 50.96
C ASN C 266 37.64 8.31 52.17
N LYS C 267 38.04 7.07 52.45
CA LYS C 267 38.94 6.75 53.53
C LYS C 267 40.39 6.83 53.03
N ASN C 268 40.60 6.44 51.78
CA ASN C 268 41.94 6.50 51.21
C ASN C 268 41.96 7.60 50.16
N HIS C 269 42.45 8.77 50.57
CA HIS C 269 42.19 10.01 49.85
C HIS C 269 43.01 10.07 48.57
N ILE C 270 42.36 10.50 47.50
CA ILE C 270 43.04 10.86 46.27
C ILE C 270 43.82 12.16 46.52
N ILE C 271 45.01 12.27 45.95
CA ILE C 271 45.78 13.49 46.08
C ILE C 271 45.84 14.20 44.73
N GLY C 272 46.17 15.49 44.76
CA GLY C 272 46.35 16.25 43.53
C GLY C 272 45.03 16.75 42.98
N VAL C 273 45.10 17.41 41.84
CA VAL C 273 43.91 17.97 41.19
C VAL C 273 42.83 16.90 40.98
N LYS C 274 43.24 15.65 40.81
CA LYS C 274 42.29 14.55 40.62
C LYS C 274 41.34 14.38 41.80
N LEU C 275 41.71 14.93 42.96
CA LEU C 275 40.82 14.89 44.11
C LEU C 275 39.57 15.69 43.79
N GLN C 276 39.74 16.80 43.08
CA GLN C 276 38.60 17.64 42.71
C GLN C 276 37.74 16.92 41.68
N ASP C 277 38.39 16.19 40.76
CA ASP C 277 37.67 15.43 39.76
C ASP C 277 36.90 14.31 40.44
N TYR C 278 37.55 13.69 41.43
CA TYR C 278 36.91 12.66 42.24
C TYR C 278 35.65 13.17 42.92
N ARG C 279 35.77 14.35 43.54
CA ARG C 279 34.64 14.96 44.24
C ARG C 279 33.48 15.20 43.29
N ASP C 280 33.76 15.78 42.12
CA ASP C 280 32.74 16.00 41.11
C ASP C 280 32.14 14.67 40.64
N TRP C 281 33.01 13.69 40.45
CA TRP C 281 32.60 12.35 40.05
C TRP C 281 31.65 11.76 41.08
N CYS C 282 32.03 11.95 42.35
CA CYS C 282 31.22 11.55 43.50
C CYS C 282 29.84 12.21 43.46
N LYS C 283 29.83 13.49 43.11
CA LYS C 283 28.59 14.28 43.07
C LYS C 283 27.58 13.77 42.05
N VAL C 284 28.07 13.41 40.86
CA VAL C 284 27.23 12.90 39.79
C VAL C 284 26.59 11.53 40.04
N VAL C 285 27.30 10.62 40.70
CA VAL C 285 26.72 9.31 41.03
C VAL C 285 25.48 9.47 41.91
N THR C 286 25.54 10.41 42.85
CA THR C 286 24.38 10.72 43.69
C THR C 286 23.20 11.16 42.82
N LEU C 287 23.46 12.07 41.89
CA LEU C 287 22.42 12.51 40.96
C LEU C 287 21.90 11.33 40.15
N ILE C 288 22.80 10.44 39.76
CA ILE C 288 22.43 9.24 39.00
C ILE C 288 21.60 8.30 39.88
N ASP C 289 22.06 8.11 41.11
CA ASP C 289 21.40 7.26 42.10
C ASP C 289 19.96 7.71 42.34
N ASN C 290 19.71 9.00 42.19
CA ASN C 290 18.37 9.56 42.38
C ASN C 290 17.66 9.65 41.03
N LYS C 291 18.19 8.92 40.05
CA LYS C 291 17.57 8.72 38.74
C LYS C 291 17.41 9.99 37.92
N GLU C 292 18.11 11.05 38.31
CA GLU C 292 18.01 12.31 37.58
C GLU C 292 18.72 12.27 36.22
N HIS C 293 19.60 11.29 36.03
CA HIS C 293 20.25 11.15 34.72
C HIS C 293 19.28 10.65 33.65
N LEU C 294 18.13 10.15 34.09
CA LEU C 294 17.12 9.64 33.18
C LEU C 294 16.11 10.73 32.83
N THR C 295 16.42 11.96 33.25
CA THR C 295 15.57 13.09 32.89
C THR C 295 16.31 14.16 32.08
N SER C 296 15.56 14.88 31.28
CA SER C 296 16.10 15.96 30.45
C SER C 296 16.77 17.05 31.29
N GLU C 297 16.07 17.49 32.34
CA GLU C 297 16.58 18.54 33.21
C GLU C 297 17.89 18.10 33.87
N GLY C 298 17.88 16.89 34.40
CA GLY C 298 19.04 16.30 35.04
C GLY C 298 20.25 16.05 34.16
N LEU C 299 20.01 15.62 32.92
CA LEU C 299 21.08 15.39 31.96
C LEU C 299 21.89 16.64 31.61
N GLU C 300 21.21 17.76 31.44
CA GLU C 300 21.89 19.04 31.22
C GLU C 300 22.76 19.37 32.43
N LYS C 301 22.20 19.17 33.61
CA LYS C 301 22.91 19.37 34.88
C LYS C 301 24.23 18.57 34.90
N ILE C 302 24.12 17.27 34.61
CA ILE C 302 25.25 16.35 34.66
C ILE C 302 26.32 16.73 33.65
N GLN C 303 25.89 17.03 32.43
CA GLN C 303 26.77 17.51 31.37
C GLN C 303 27.62 18.70 31.79
N LYS C 304 27.01 19.64 32.50
CA LYS C 304 27.73 20.83 32.96
C LYS C 304 28.87 20.45 33.90
N ILE C 305 28.63 19.52 34.81
CA ILE C 305 29.69 19.06 35.71
C ILE C 305 30.80 18.33 34.95
N LYS C 306 30.40 17.40 34.09
CA LYS C 306 31.36 16.64 33.28
C LYS C 306 32.25 17.58 32.46
N GLU C 307 31.66 18.62 31.90
CA GLU C 307 32.38 19.56 31.06
C GLU C 307 33.41 20.33 31.86
N GLY C 308 33.25 20.34 33.18
CA GLY C 308 34.18 21.03 34.06
C GLY C 308 35.15 20.08 34.74
N MET C 309 35.14 18.82 34.32
CA MET C 309 36.00 17.80 34.92
C MET C 309 37.18 17.42 34.03
N ASN C 310 38.22 16.90 34.67
CA ASN C 310 39.35 16.32 33.95
C ASN C 310 39.92 17.31 32.93
N ARG C 311 39.96 16.91 31.66
CA ARG C 311 40.55 17.75 30.63
C ARG C 311 39.81 19.08 30.50
N GLY C 312 38.53 19.11 30.88
CA GLY C 312 37.78 20.35 30.79
C GLY C 312 37.98 21.26 31.99
N ARG C 313 38.72 20.78 32.98
CA ARG C 313 39.03 21.57 34.18
C ARG C 313 40.05 22.67 33.91
N SER C 314 39.76 23.87 34.39
CA SER C 314 40.61 25.02 34.11
C SER C 314 41.84 25.02 35.00
N ASN D 16 -15.51 -13.99 -5.87
CA ASN D 16 -14.94 -13.09 -4.86
C ASN D 16 -15.91 -11.97 -4.50
N ILE D 17 -16.08 -11.74 -3.20
CA ILE D 17 -17.01 -10.73 -2.71
C ILE D 17 -16.58 -9.29 -3.06
N SER D 18 -17.58 -8.45 -3.31
CA SER D 18 -17.37 -7.02 -3.63
C SER D 18 -17.14 -6.19 -2.37
N PRO D 19 -16.34 -5.11 -2.48
CA PRO D 19 -16.10 -4.27 -1.31
C PRO D 19 -17.39 -3.64 -0.77
N TRP D 20 -18.31 -3.26 -1.66
CA TRP D 20 -19.58 -2.68 -1.25
C TRP D 20 -20.49 -3.71 -0.60
N THR D 21 -20.35 -4.97 -1.01
CA THR D 21 -21.06 -6.05 -0.36
C THR D 21 -20.60 -6.17 1.09
N ILE D 22 -19.29 -6.05 1.28
CA ILE D 22 -18.72 -6.11 2.63
C ILE D 22 -19.26 -4.96 3.47
N THR D 23 -19.24 -3.75 2.90
CA THR D 23 -19.73 -2.58 3.62
C THR D 23 -21.22 -2.71 3.89
N GLY D 24 -21.97 -3.19 2.92
CA GLY D 24 -23.39 -3.41 3.10
C GLY D 24 -23.68 -4.41 4.18
N PHE D 25 -22.90 -5.49 4.18
CA PHE D 25 -23.01 -6.54 5.17
C PHE D 25 -22.59 -6.05 6.55
N ALA D 26 -21.57 -5.22 6.59
CA ALA D 26 -21.11 -4.64 7.85
C ALA D 26 -22.11 -3.65 8.41
N ASP D 27 -22.72 -2.85 7.52
CA ASP D 27 -23.82 -1.98 7.88
C ASP D 27 -24.90 -2.78 8.62
N ALA D 28 -25.08 -4.02 8.18
CA ALA D 28 -26.03 -4.94 8.78
C ALA D 28 -25.49 -5.64 10.03
N GLU D 29 -24.34 -6.29 9.90
CA GLU D 29 -23.89 -7.24 10.92
C GLU D 29 -22.68 -6.85 11.77
N SER D 30 -22.06 -5.72 11.49
CA SER D 30 -20.80 -5.44 12.17
C SER D 30 -21.01 -4.64 13.44
N SER D 31 -19.98 -4.58 14.26
CA SER D 31 -20.00 -3.73 15.45
C SER D 31 -18.69 -2.99 15.64
N PHE D 32 -18.77 -1.70 15.94
CA PHE D 32 -17.60 -0.94 16.34
C PHE D 32 -17.63 -0.73 17.84
N MET D 33 -16.55 -1.08 18.51
CA MET D 33 -16.56 -1.12 19.97
C MET D 33 -15.33 -0.49 20.58
N LEU D 34 -15.52 0.09 21.77
CA LEU D 34 -14.40 0.59 22.56
C LEU D 34 -14.54 0.00 23.96
N THR D 35 -13.55 -0.80 24.37
CA THR D 35 -13.57 -1.31 25.74
C THR D 35 -12.66 -0.50 26.66
N VAL D 36 -13.22 -0.01 27.76
CA VAL D 36 -12.40 0.69 28.75
C VAL D 36 -12.56 -0.04 30.08
N SER D 37 -11.55 -0.83 30.44
CA SER D 37 -11.59 -1.69 31.62
C SER D 37 -10.52 -1.26 32.63
N LYS D 38 -10.89 -1.23 33.91
CA LYS D 38 -9.92 -0.90 34.95
C LYS D 38 -8.70 -1.78 35.10
N ASP D 39 -7.52 -1.17 35.16
CA ASP D 39 -6.34 -1.98 35.29
C ASP D 39 -5.30 -1.13 36.03
N SER D 40 -5.03 -1.51 37.27
CA SER D 40 -4.10 -0.87 38.18
C SER D 40 -2.67 -0.95 37.67
N LYS D 41 -2.41 -2.00 36.90
CA LYS D 41 -1.08 -2.34 36.47
C LYS D 41 -0.63 -1.38 35.39
N ARG D 42 -1.58 -0.64 34.85
CA ARG D 42 -1.31 0.32 33.79
C ARG D 42 -1.15 1.66 34.49
N ASN D 43 -0.37 2.56 33.90
CA ASN D 43 -0.07 3.85 34.51
C ASN D 43 -1.28 4.77 34.65
N THR D 44 -2.23 4.67 33.73
CA THR D 44 -3.45 5.47 33.85
C THR D 44 -4.45 4.79 34.77
N GLY D 45 -4.20 3.51 35.05
CA GLY D 45 -5.12 2.73 35.87
C GLY D 45 -6.21 2.12 35.01
N TRP D 46 -6.12 2.36 33.71
CA TRP D 46 -7.12 1.87 32.77
C TRP D 46 -6.60 1.25 31.49
N SER D 47 -7.36 0.28 30.98
CA SER D 47 -7.05 -0.34 29.69
C SER D 47 -8.05 0.14 28.66
N VAL D 48 -7.55 0.62 27.53
CA VAL D 48 -8.41 1.11 26.45
C VAL D 48 -8.11 0.43 25.13
N ARG D 49 -9.14 -0.09 24.45
CA ARG D 49 -8.89 -0.74 23.18
C ARG D 49 -10.05 -0.65 22.19
N PRO D 50 -9.71 -0.47 20.90
CA PRO D 50 -10.73 -0.40 19.86
C PRO D 50 -10.95 -1.78 19.23
N ARG D 51 -12.16 -2.04 18.76
CA ARG D 51 -12.44 -3.32 18.11
C ARG D 51 -13.38 -3.17 16.91
N PHE D 52 -13.13 -3.96 15.87
CA PHE D 52 -14.13 -4.11 14.83
C PHE D 52 -14.42 -5.60 14.70
N ARG D 53 -15.69 -5.97 14.68
CA ARG D 53 -16.05 -7.37 14.70
C ARG D 53 -17.35 -7.64 13.96
N ILE D 54 -17.42 -8.80 13.33
CA ILE D 54 -18.67 -9.32 12.80
C ILE D 54 -18.90 -10.70 13.38
N GLY D 55 -20.09 -10.93 13.93
CA GLY D 55 -20.39 -12.22 14.52
C GLY D 55 -21.66 -12.79 13.94
N LEU D 56 -21.59 -14.06 13.55
CA LEU D 56 -22.68 -14.72 12.83
C LEU D 56 -22.88 -16.11 13.40
N HIS D 57 -23.97 -16.75 12.98
CA HIS D 57 -24.16 -18.16 13.27
C HIS D 57 -23.02 -18.96 12.65
N ASN D 58 -22.60 -20.03 13.34
CA ASN D 58 -21.57 -20.93 12.84
C ASN D 58 -21.74 -21.37 11.38
N LYS D 59 -22.98 -21.51 10.93
CA LYS D 59 -23.24 -21.98 9.58
C LYS D 59 -22.70 -21.03 8.50
N ASP D 60 -22.41 -19.79 8.88
CA ASP D 60 -22.01 -18.76 7.92
C ASP D 60 -20.55 -18.30 8.09
N VAL D 61 -19.69 -19.15 8.64
CA VAL D 61 -18.25 -18.88 8.70
C VAL D 61 -17.67 -18.50 7.34
N THR D 62 -18.19 -19.12 6.28
CA THR D 62 -17.73 -18.87 4.92
C THR D 62 -17.82 -17.40 4.52
N ILE D 63 -18.84 -16.69 5.01
CA ILE D 63 -18.95 -15.26 4.73
C ILE D 63 -17.75 -14.53 5.31
N LEU D 64 -17.40 -14.88 6.53
CA LEU D 64 -16.29 -14.26 7.23
C LEU D 64 -14.97 -14.53 6.50
N LYS D 65 -14.82 -15.75 5.98
CA LYS D 65 -13.63 -16.14 5.24
C LYS D 65 -13.48 -15.34 3.95
N SER D 66 -14.59 -15.06 3.28
CA SER D 66 -14.58 -14.29 2.04
C SER D 66 -14.11 -12.86 2.34
N ILE D 67 -14.61 -12.32 3.45
CA ILE D 67 -14.24 -10.98 3.90
C ILE D 67 -12.77 -10.92 4.28
N ARG D 68 -12.32 -11.92 5.02
CA ARG D 68 -10.92 -12.02 5.43
C ARG D 68 -9.95 -12.04 4.27
N GLU D 69 -10.30 -12.81 3.24
CA GLU D 69 -9.45 -12.97 2.07
C GLU D 69 -9.37 -11.67 1.30
N TYR D 70 -10.50 -10.96 1.25
CA TYR D 70 -10.55 -9.67 0.58
C TYR D 70 -9.62 -8.66 1.25
N LEU D 71 -9.74 -8.52 2.57
CA LEU D 71 -9.08 -7.42 3.28
C LEU D 71 -7.65 -7.82 3.61
N GLY D 72 -7.40 -9.13 3.64
CA GLY D 72 -6.10 -9.66 4.03
C GLY D 72 -5.83 -9.48 5.50
N ALA D 73 -6.89 -9.50 6.31
CA ALA D 73 -6.78 -9.23 7.74
C ALA D 73 -8.03 -9.70 8.47
N GLY D 74 -7.91 -9.86 9.78
CA GLY D 74 -9.04 -10.33 10.58
C GLY D 74 -8.78 -11.72 11.13
N ILE D 75 -9.25 -11.95 12.35
CA ILE D 75 -9.06 -13.24 12.99
C ILE D 75 -10.41 -13.93 13.15
N ILE D 76 -10.51 -15.14 12.59
CA ILE D 76 -11.74 -15.90 12.62
C ILE D 76 -11.71 -16.94 13.74
N THR D 77 -12.82 -17.01 14.48
CA THR D 77 -12.97 -18.00 15.54
C THR D 77 -14.33 -18.69 15.43
N SER D 78 -14.40 -19.93 15.90
CA SER D 78 -15.64 -20.69 15.90
C SER D 78 -15.85 -21.51 17.17
N ASP D 79 -16.89 -21.18 17.92
CA ASP D 79 -17.27 -21.92 19.11
C ASP D 79 -18.80 -21.95 19.21
N ILE D 80 -19.38 -21.14 20.08
CA ILE D 80 -20.84 -21.09 20.13
C ILE D 80 -21.36 -20.25 18.98
N ASP D 81 -20.49 -19.40 18.43
CA ASP D 81 -20.78 -18.69 17.20
C ASP D 81 -19.51 -18.49 16.36
N ALA D 82 -19.67 -17.87 15.19
CA ALA D 82 -18.54 -17.57 14.33
C ALA D 82 -18.27 -16.07 14.31
N ARG D 83 -17.00 -15.69 14.49
CA ARG D 83 -16.65 -14.28 14.56
C ARG D 83 -15.41 -13.99 13.75
N ILE D 84 -15.38 -12.83 13.09
CA ILE D 84 -14.12 -12.29 12.61
C ILE D 84 -13.87 -10.99 13.37
N ARG D 85 -12.65 -10.88 13.89
CA ARG D 85 -12.30 -9.74 14.73
C ARG D 85 -11.05 -9.00 14.32
N PHE D 86 -11.06 -7.70 14.57
CA PHE D 86 -9.95 -6.81 14.29
C PHE D 86 -9.66 -6.03 15.56
N GLU D 87 -8.50 -6.24 16.17
CA GLU D 87 -8.23 -5.62 17.46
C GLU D 87 -6.84 -4.98 17.51
N SER D 88 -5.93 -5.52 16.70
CA SER D 88 -4.57 -4.99 16.60
C SER D 88 -4.55 -3.76 15.71
N LEU D 89 -3.55 -2.89 15.93
CA LEU D 89 -3.44 -1.65 15.17
C LEU D 89 -3.28 -1.89 13.67
N LYS D 90 -2.52 -2.91 13.30
CA LYS D 90 -2.34 -3.27 11.88
C LYS D 90 -3.65 -3.66 11.20
N GLU D 91 -4.47 -4.45 11.90
CA GLU D 91 -5.75 -4.89 11.37
C GLU D 91 -6.78 -3.78 11.26
N LEU D 92 -6.84 -2.93 12.28
CA LEU D 92 -7.81 -1.85 12.29
C LEU D 92 -7.52 -0.81 11.22
N GLU D 93 -6.25 -0.62 10.88
CA GLU D 93 -5.88 0.28 9.79
C GLU D 93 -6.50 -0.22 8.49
N VAL D 94 -6.46 -1.52 8.29
CA VAL D 94 -7.08 -2.16 7.13
C VAL D 94 -8.58 -1.88 7.14
N VAL D 95 -9.17 -1.98 8.33
CA VAL D 95 -10.58 -1.70 8.52
C VAL D 95 -10.89 -0.24 8.19
N ILE D 96 -10.10 0.66 8.73
CA ILE D 96 -10.27 2.09 8.50
C ILE D 96 -10.07 2.43 7.03
N ASN D 97 -9.07 1.84 6.41
CA ASN D 97 -8.77 2.07 5.00
C ASN D 97 -9.94 1.67 4.10
N HIS D 98 -10.58 0.54 4.42
CA HIS D 98 -11.73 0.06 3.66
C HIS D 98 -12.93 0.99 3.74
N PHE D 99 -13.31 1.33 4.95
CA PHE D 99 -14.51 2.11 5.22
C PHE D 99 -14.37 3.58 4.87
N ASP D 100 -13.13 4.06 4.76
CA ASP D 100 -12.89 5.40 4.25
C ASP D 100 -13.25 5.45 2.77
N LYS D 101 -13.02 4.34 2.08
CA LYS D 101 -13.26 4.26 0.64
C LYS D 101 -14.71 3.87 0.36
N TYR D 102 -15.24 2.99 1.21
CA TYR D 102 -16.59 2.48 1.04
C TYR D 102 -17.42 2.70 2.29
N PRO D 103 -17.87 3.94 2.52
CA PRO D 103 -18.42 4.35 3.81
C PRO D 103 -19.77 3.71 4.14
N LEU D 104 -19.98 3.38 5.41
CA LEU D 104 -21.27 2.96 5.92
C LEU D 104 -22.31 4.08 5.71
N ILE D 105 -23.58 3.71 5.58
CA ILE D 105 -24.63 4.70 5.36
C ILE D 105 -25.82 4.54 6.33
N THR D 106 -25.77 3.51 7.16
CA THR D 106 -26.69 3.40 8.29
C THR D 106 -26.19 4.26 9.44
N GLN D 107 -26.91 4.25 10.56
CA GLN D 107 -26.49 5.00 11.75
C GLN D 107 -25.13 4.57 12.28
N LYS D 108 -24.66 3.40 11.84
CA LYS D 108 -23.35 2.92 12.21
C LYS D 108 -22.21 3.82 11.71
N ARG D 109 -22.50 4.67 10.72
CA ARG D 109 -21.52 5.69 10.32
C ARG D 109 -21.09 6.59 11.48
N ALA D 110 -22.02 6.91 12.37
CA ALA D 110 -21.68 7.78 13.49
C ALA D 110 -20.80 7.02 14.46
N ASP D 111 -21.11 5.74 14.65
CA ASP D 111 -20.31 4.87 15.49
C ASP D 111 -18.90 4.69 14.92
N TYR D 112 -18.81 4.56 13.60
CA TYR D 112 -17.53 4.38 12.93
C TYR D 112 -16.61 5.58 13.16
N LEU D 113 -17.19 6.78 13.12
CA LEU D 113 -16.40 8.00 13.22
C LEU D 113 -15.85 8.17 14.64
N LEU D 114 -16.66 7.80 15.62
CA LEU D 114 -16.22 7.79 17.00
C LEU D 114 -15.10 6.78 17.12
N PHE D 115 -15.34 5.60 16.56
CA PHE D 115 -14.36 4.53 16.51
C PHE D 115 -13.08 5.01 15.85
N LYS D 116 -13.23 5.76 14.76
CA LYS D 116 -12.09 6.21 13.99
C LYS D 116 -11.27 7.24 14.77
N LYS D 117 -11.97 8.12 15.49
CA LYS D 117 -11.32 9.12 16.33
C LYS D 117 -10.52 8.53 17.48
N ALA D 118 -11.09 7.52 18.12
CA ALA D 118 -10.43 6.84 19.24
C ALA D 118 -9.17 6.11 18.83
N PHE D 119 -9.26 5.43 17.69
CA PHE D 119 -8.16 4.67 17.11
C PHE D 119 -6.93 5.52 16.84
N TYR D 120 -7.17 6.72 16.34
CA TYR D 120 -6.11 7.65 16.00
C TYR D 120 -5.38 8.10 17.27
N LEU D 121 -6.18 8.44 18.29
CA LEU D 121 -5.68 8.81 19.62
C LEU D 121 -4.78 7.72 20.19
N ILE D 122 -5.19 6.47 20.04
CA ILE D 122 -4.44 5.33 20.56
C ILE D 122 -3.16 5.17 19.73
N LYS D 123 -3.28 5.27 18.42
CA LYS D 123 -2.14 5.16 17.51
C LYS D 123 -1.06 6.19 17.87
N ASN D 124 -1.50 7.38 18.31
CA ASN D 124 -0.61 8.49 18.66
C ASN D 124 -0.22 8.42 20.12
N LYS D 125 -0.63 7.34 20.77
CA LYS D 125 -0.27 7.02 22.14
C LYS D 125 -0.84 8.05 23.13
N GLU D 126 -1.82 8.81 22.67
CA GLU D 126 -2.50 9.77 23.54
C GLU D 126 -3.40 9.14 24.59
N HIS D 127 -3.76 7.88 24.42
CA HIS D 127 -4.58 7.20 25.41
C HIS D 127 -3.77 6.89 26.68
N LEU D 128 -2.46 7.07 26.60
CA LEU D 128 -1.59 6.76 27.72
C LEU D 128 -1.41 7.97 28.63
N THR D 129 -2.20 9.00 28.38
CA THR D 129 -2.20 10.22 29.19
C THR D 129 -3.54 10.36 29.89
N GLU D 130 -3.57 11.09 30.99
CA GLU D 130 -4.84 11.40 31.64
C GLU D 130 -5.79 12.17 30.71
N GLU D 131 -5.25 13.10 29.93
CA GLU D 131 -6.08 13.92 29.04
C GLU D 131 -6.71 13.08 27.95
N GLY D 132 -5.88 12.27 27.28
CA GLY D 132 -6.32 11.44 26.19
C GLY D 132 -7.30 10.37 26.66
N LEU D 133 -7.03 9.82 27.84
CA LEU D 133 -7.91 8.82 28.43
C LEU D 133 -9.30 9.43 28.63
N ASN D 134 -9.35 10.63 29.20
CA ASN D 134 -10.60 11.34 29.40
C ASN D 134 -11.33 11.54 28.08
N GLN D 135 -10.56 11.81 27.02
CA GLN D 135 -11.12 12.06 25.70
C GLN D 135 -11.73 10.79 25.11
N ILE D 136 -11.06 9.67 25.34
CA ILE D 136 -11.55 8.38 24.86
C ILE D 136 -12.95 8.07 25.38
N LEU D 137 -13.16 8.32 26.66
CA LEU D 137 -14.49 8.13 27.26
C LEU D 137 -15.60 8.99 26.66
N THR D 138 -15.28 10.22 26.28
CA THR D 138 -16.29 11.05 25.64
C THR D 138 -16.74 10.38 24.35
N LEU D 139 -15.80 9.72 23.67
CA LEU D 139 -16.14 9.01 22.45
C LEU D 139 -16.98 7.77 22.75
N LYS D 140 -16.55 6.98 23.74
CA LYS D 140 -17.27 5.77 24.13
C LYS D 140 -18.68 6.12 24.63
N ALA D 141 -18.79 7.27 25.29
CA ALA D 141 -20.05 7.72 25.86
C ALA D 141 -21.11 7.87 24.78
N SER D 142 -20.66 8.21 23.58
CA SER D 142 -21.55 8.46 22.45
C SER D 142 -21.58 7.26 21.51
N LEU D 143 -20.77 6.25 21.82
CA LEU D 143 -20.65 5.06 20.98
C LEU D 143 -21.60 3.96 21.42
N ASN D 144 -22.42 3.48 20.47
CA ASN D 144 -23.39 2.43 20.73
C ASN D 144 -24.22 2.67 22.00
N LEU D 145 -24.08 1.78 22.96
CA LEU D 145 -24.92 1.75 24.16
C LEU D 145 -24.39 2.71 25.23
N GLY D 146 -23.27 3.37 24.94
CA GLY D 146 -22.72 4.36 25.85
C GLY D 146 -22.00 3.79 27.05
N LEU D 147 -21.86 4.60 28.10
CA LEU D 147 -21.08 4.19 29.25
C LEU D 147 -21.88 3.32 30.20
N SER D 148 -21.24 2.27 30.67
CA SER D 148 -21.79 1.45 31.74
C SER D 148 -21.83 2.25 33.04
N GLU D 149 -22.61 1.75 33.99
CA GLU D 149 -22.69 2.34 35.32
C GLU D 149 -21.33 2.45 35.99
N GLU D 150 -20.54 1.39 35.88
CA GLU D 150 -19.19 1.38 36.46
C GLU D 150 -18.31 2.49 35.90
N LEU D 151 -18.36 2.69 34.58
CA LEU D 151 -17.57 3.74 33.96
C LEU D 151 -18.07 5.15 34.26
N LYS D 152 -19.39 5.33 34.33
CA LYS D 152 -19.96 6.61 34.74
C LYS D 152 -19.49 6.97 36.15
N GLU D 153 -19.50 5.97 37.03
CA GLU D 153 -19.07 6.11 38.41
C GLU D 153 -17.58 6.43 38.53
N ALA D 154 -16.79 5.80 37.65
CA ALA D 154 -15.34 5.93 37.65
C ALA D 154 -14.83 7.21 37.00
N PHE D 155 -15.62 7.76 36.08
CA PHE D 155 -15.24 8.98 35.36
C PHE D 155 -16.27 10.10 35.30
N PRO D 156 -16.60 10.69 36.46
CA PRO D 156 -17.66 11.69 36.50
C PRO D 156 -17.23 12.88 35.63
N ASN D 157 -18.16 13.78 35.37
CA ASN D 157 -18.00 14.97 34.53
C ASN D 157 -17.66 14.60 33.08
N THR D 158 -18.01 13.38 32.69
CA THR D 158 -17.75 12.98 31.31
C THR D 158 -18.75 13.70 30.43
N ILE D 159 -18.32 14.51 29.48
CA ILE D 159 -19.29 15.09 28.56
C ILE D 159 -19.21 14.28 27.27
N PRO D 160 -20.33 13.63 26.89
CA PRO D 160 -20.36 12.73 25.73
C PRO D 160 -19.99 13.44 24.44
N ALA D 161 -19.14 12.82 23.62
CA ALA D 161 -18.75 13.44 22.36
C ALA D 161 -19.98 13.64 21.49
N GLU D 162 -19.92 14.61 20.58
CA GLU D 162 -21.05 14.87 19.70
C GLU D 162 -21.28 13.69 18.76
N ARG D 163 -22.53 13.29 18.57
CA ARG D 163 -22.79 12.18 17.67
C ARG D 163 -23.49 12.64 16.40
N LEU D 164 -22.92 12.32 15.25
CA LEU D 164 -23.57 12.66 13.98
C LEU D 164 -24.91 11.94 13.90
N LEU D 165 -26.02 12.64 13.71
CA LEU D 165 -27.24 11.95 13.34
C LEU D 165 -27.14 11.77 11.82
N VAL D 166 -27.09 10.54 11.33
CA VAL D 166 -26.85 10.27 9.92
C VAL D 166 -28.12 10.35 9.06
N THR D 167 -28.09 11.23 8.06
CA THR D 167 -29.26 11.54 7.22
C THR D 167 -28.94 11.91 5.77
N GLY D 168 -29.94 11.74 4.91
CA GLY D 168 -29.83 12.11 3.51
C GLY D 168 -28.82 11.30 2.74
N GLN D 169 -28.67 10.03 3.10
CA GLN D 169 -27.66 9.18 2.49
C GLN D 169 -28.24 8.45 1.28
N GLU D 170 -27.53 8.53 0.17
CA GLU D 170 -27.91 7.84 -1.05
C GLU D 170 -27.33 6.44 -1.05
N ILE D 171 -28.04 5.50 -1.68
CA ILE D 171 -27.48 4.17 -1.91
C ILE D 171 -26.28 4.28 -2.83
N PRO D 172 -25.10 3.96 -2.31
CA PRO D 172 -23.80 4.17 -2.97
C PRO D 172 -23.54 3.18 -4.10
N ASP D 173 -24.20 2.02 -4.06
CA ASP D 173 -23.88 0.94 -4.99
C ASP D 173 -24.85 -0.23 -4.89
N SER D 174 -25.09 -0.87 -6.04
CA SER D 174 -25.99 -2.02 -6.13
C SER D 174 -25.55 -3.18 -5.23
N ASN D 175 -24.24 -3.33 -5.07
CA ASN D 175 -23.73 -4.40 -4.21
C ASN D 175 -23.92 -4.19 -2.71
N TRP D 176 -24.06 -2.94 -2.28
CA TRP D 176 -24.37 -2.65 -0.87
C TRP D 176 -25.69 -3.24 -0.40
N VAL D 177 -26.74 -3.07 -1.18
CA VAL D 177 -28.06 -3.60 -0.82
C VAL D 177 -28.02 -5.11 -0.71
N ALA D 178 -27.34 -5.75 -1.65
CA ALA D 178 -27.19 -7.20 -1.64
C ALA D 178 -26.47 -7.62 -0.37
N GLY D 179 -25.43 -6.88 -0.02
CA GLY D 179 -24.67 -7.17 1.19
C GLY D 179 -25.55 -6.90 2.39
N PHE D 180 -26.26 -5.77 2.36
CA PHE D 180 -27.17 -5.37 3.43
C PHE D 180 -28.28 -6.39 3.64
N THR D 181 -28.82 -6.89 2.53
CA THR D 181 -29.93 -7.84 2.57
C THR D 181 -29.44 -9.19 3.06
N ALA D 182 -28.19 -9.53 2.75
CA ALA D 182 -27.65 -10.78 3.24
C ALA D 182 -27.57 -10.80 4.76
N GLY D 183 -27.44 -9.64 5.39
CA GLY D 183 -27.48 -9.65 6.85
C GLY D 183 -28.88 -9.55 7.44
N ASP D 184 -29.62 -8.52 7.04
CA ASP D 184 -30.89 -8.21 7.70
C ASP D 184 -32.11 -8.58 6.85
N GLY D 185 -31.87 -9.02 5.62
CA GLY D 185 -32.94 -9.23 4.67
C GLY D 185 -33.58 -10.59 4.85
N SER D 186 -34.77 -10.77 4.28
CA SER D 186 -35.44 -12.07 4.31
C SER D 186 -36.22 -12.40 3.04
N PHE D 187 -36.01 -13.62 2.54
CA PHE D 187 -36.77 -14.15 1.42
C PHE D 187 -37.63 -15.30 1.94
N TYR D 188 -38.93 -15.09 2.10
CA TYR D 188 -39.75 -16.19 2.62
C TYR D 188 -41.05 -16.31 1.82
N ILE D 189 -41.64 -17.49 1.91
CA ILE D 189 -42.90 -17.79 1.26
C ILE D 189 -44.01 -17.81 2.30
N ARG D 190 -45.01 -16.95 2.10
CA ARG D 190 -46.12 -16.83 3.02
C ARG D 190 -47.30 -17.68 2.56
N ILE D 191 -47.76 -18.54 3.46
CA ILE D 191 -48.93 -19.37 3.23
C ILE D 191 -49.99 -18.98 4.25
N ALA D 192 -51.14 -18.54 3.76
CA ALA D 192 -52.21 -18.08 4.64
C ALA D 192 -53.44 -18.98 4.51
N LYS D 193 -53.93 -19.44 5.66
CA LYS D 193 -55.17 -20.20 5.66
C LYS D 193 -56.30 -19.29 5.22
N ASN D 194 -57.03 -19.74 4.21
CA ASN D 194 -58.06 -18.93 3.58
C ASN D 194 -59.06 -19.80 2.85
N SER D 195 -60.26 -19.92 3.41
CA SER D 195 -61.23 -20.86 2.88
C SER D 195 -61.70 -20.44 1.48
N THR D 196 -61.57 -19.15 1.19
CA THR D 196 -62.00 -18.61 -0.10
C THR D 196 -61.08 -18.98 -1.26
N LEU D 197 -59.99 -19.70 -0.97
CA LEU D 197 -59.14 -20.21 -2.05
C LEU D 197 -59.38 -21.71 -2.24
N LYS D 198 -59.30 -22.16 -3.49
CA LYS D 198 -59.59 -23.53 -3.83
C LYS D 198 -58.73 -24.52 -3.06
N THR D 199 -57.44 -24.21 -2.93
CA THR D 199 -56.52 -25.09 -2.22
C THR D 199 -56.72 -24.95 -0.71
N GLY D 200 -57.42 -23.90 -0.31
CA GLY D 200 -57.61 -23.62 1.09
C GLY D 200 -56.52 -22.71 1.66
N TYR D 201 -55.58 -22.33 0.79
CA TYR D 201 -54.46 -21.48 1.21
C TYR D 201 -54.06 -20.48 0.13
N GLN D 202 -53.79 -19.24 0.55
CA GLN D 202 -53.11 -18.29 -0.32
C GLN D 202 -51.60 -18.49 -0.26
N VAL D 203 -50.94 -18.36 -1.41
CA VAL D 203 -49.49 -18.44 -1.47
C VAL D 203 -48.89 -17.13 -1.97
N GLN D 204 -47.94 -16.58 -1.22
CA GLN D 204 -47.32 -15.31 -1.57
C GLN D 204 -45.81 -15.38 -1.42
N SER D 205 -45.09 -14.83 -2.39
CA SER D 205 -43.65 -14.68 -2.27
C SER D 205 -43.31 -13.30 -1.71
N VAL D 206 -42.44 -13.30 -0.70
CA VAL D 206 -42.11 -12.09 0.04
C VAL D 206 -40.62 -11.82 0.10
N PHE D 207 -40.25 -10.58 -0.18
CA PHE D 207 -38.90 -10.13 0.06
C PHE D 207 -39.02 -9.07 1.15
N GLN D 208 -38.10 -9.11 2.10
CA GLN D 208 -38.24 -8.30 3.29
C GLN D 208 -36.87 -7.84 3.76
N ILE D 209 -36.83 -6.63 4.30
CA ILE D 209 -35.68 -6.14 5.02
C ILE D 209 -36.17 -5.55 6.33
N THR D 210 -35.50 -5.88 7.42
CA THR D 210 -35.96 -5.45 8.73
C THR D 210 -34.91 -4.50 9.30
N GLN D 211 -35.37 -3.43 9.95
CA GLN D 211 -34.44 -2.49 10.56
C GLN D 211 -35.13 -1.61 11.61
N ASP D 212 -34.37 -1.23 12.65
CA ASP D 212 -34.87 -0.34 13.69
C ASP D 212 -35.27 1.01 13.05
N THR D 213 -36.22 1.70 13.65
CA THR D 213 -36.77 2.90 13.05
C THR D 213 -35.76 4.04 12.91
N ARG D 214 -34.61 3.91 13.59
CA ARG D 214 -33.57 4.92 13.47
C ARG D 214 -33.10 5.12 12.02
N ASP D 215 -33.33 4.12 11.18
CA ASP D 215 -32.93 4.22 9.77
C ASP D 215 -34.11 4.09 8.81
N ILE D 216 -35.28 4.60 9.20
CA ILE D 216 -36.44 4.49 8.34
C ILE D 216 -36.25 5.28 7.05
N GLU D 217 -35.49 6.38 7.13
CA GLU D 217 -35.21 7.20 5.97
C GLU D 217 -34.46 6.39 4.94
N LEU D 218 -33.46 5.64 5.40
CA LEU D 218 -32.71 4.75 4.54
C LEU D 218 -33.65 3.72 3.94
N MET D 219 -34.53 3.16 4.77
CA MET D 219 -35.48 2.15 4.33
C MET D 219 -36.47 2.66 3.28
N LYS D 220 -36.98 3.87 3.48
CA LYS D 220 -37.87 4.47 2.50
C LYS D 220 -37.13 4.74 1.20
N ASN D 221 -35.86 5.12 1.33
CA ASN D 221 -35.00 5.36 0.19
C ASN D 221 -34.73 4.07 -0.57
N LEU D 222 -34.67 2.95 0.15
CA LEU D 222 -34.46 1.65 -0.47
C LEU D 222 -35.66 1.23 -1.31
N ILE D 223 -36.84 1.62 -0.85
CA ILE D 223 -38.09 1.37 -1.58
C ILE D 223 -38.07 2.17 -2.87
N SER D 224 -37.64 3.42 -2.74
CA SER D 224 -37.48 4.31 -3.87
C SER D 224 -36.42 3.77 -4.82
N TYR D 225 -35.36 3.20 -4.25
CA TYR D 225 -34.22 2.74 -5.03
C TYR D 225 -34.57 1.50 -5.85
N LEU D 226 -35.32 0.60 -5.23
CA LEU D 226 -35.75 -0.64 -5.87
C LEU D 226 -37.05 -0.46 -6.67
N ASN D 227 -37.71 0.67 -6.44
CA ASN D 227 -38.95 1.05 -7.13
C ASN D 227 -40.12 0.13 -6.78
N CYS D 228 -40.08 -0.46 -5.59
CA CYS D 228 -41.17 -1.29 -5.11
C CYS D 228 -41.06 -1.48 -3.60
N GLY D 229 -42.08 -2.08 -3.01
CA GLY D 229 -42.08 -2.40 -1.60
C GLY D 229 -42.88 -1.41 -0.78
N ASN D 230 -43.31 -1.85 0.40
CA ASN D 230 -43.95 -0.97 1.36
C ASN D 230 -43.21 -0.88 2.69
N ILE D 231 -43.39 0.24 3.39
CA ILE D 231 -42.85 0.39 4.74
C ILE D 231 -43.89 -0.11 5.72
N ARG D 232 -43.44 -0.98 6.61
CA ARG D 232 -44.28 -1.50 7.68
C ARG D 232 -43.68 -1.15 9.03
N ILE D 233 -44.46 -0.49 9.88
CA ILE D 233 -43.97 -0.17 11.20
C ILE D 233 -44.69 -1.22 12.02
N ARG D 234 -43.96 -2.05 12.76
CA ARG D 234 -44.62 -2.98 13.68
C ARG D 234 -45.11 -2.38 14.98
N LYS D 235 -45.74 -3.27 15.74
CA LYS D 235 -46.32 -3.01 17.07
C LYS D 235 -45.54 -2.02 17.92
N THR D 245 -40.14 -0.16 17.39
CA THR D 245 -39.15 -1.25 17.40
C THR D 245 -38.47 -1.43 16.04
N CYS D 246 -39.02 -2.30 15.21
CA CYS D 246 -38.57 -2.46 13.83
C CYS D 246 -39.48 -1.96 12.70
N VAL D 247 -38.85 -1.65 11.58
CA VAL D 247 -39.55 -1.31 10.35
C VAL D 247 -39.23 -2.42 9.36
N ASP D 248 -40.22 -2.84 8.59
CA ASP D 248 -39.96 -3.76 7.50
C ASP D 248 -40.19 -3.13 6.13
N LEU D 249 -39.23 -3.32 5.24
CA LEU D 249 -39.47 -3.11 3.82
C LEU D 249 -40.06 -4.41 3.30
N VAL D 250 -41.28 -4.37 2.79
CA VAL D 250 -41.91 -5.59 2.32
C VAL D 250 -42.36 -5.49 0.88
N VAL D 251 -41.88 -6.38 0.03
CA VAL D 251 -42.39 -6.44 -1.33
C VAL D 251 -43.22 -7.70 -1.50
N THR D 252 -44.51 -7.54 -1.78
CA THR D 252 -45.36 -8.71 -1.93
C THR D 252 -45.98 -8.77 -3.32
N ASN D 253 -46.05 -7.61 -3.96
CA ASN D 253 -46.60 -7.51 -5.31
C ASN D 253 -45.84 -8.32 -6.37
N LEU D 254 -46.54 -9.23 -7.07
CA LEU D 254 -45.89 -10.14 -8.02
C LEU D 254 -45.39 -9.20 -9.13
N ASN D 255 -44.42 -9.60 -9.95
CA ASN D 255 -43.95 -8.79 -11.09
C ASN D 255 -43.08 -7.61 -10.64
N ASP D 256 -43.24 -7.17 -9.41
CA ASP D 256 -42.17 -6.43 -8.75
C ASP D 256 -41.12 -7.43 -8.32
N ILE D 257 -41.59 -8.57 -7.82
CA ILE D 257 -40.69 -9.63 -7.42
C ILE D 257 -39.96 -10.15 -8.66
N LYS D 258 -40.76 -10.40 -9.70
CA LYS D 258 -40.28 -10.93 -10.96
C LYS D 258 -39.36 -10.02 -11.76
N GLU D 259 -39.73 -8.75 -11.87
CA GLU D 259 -39.05 -7.83 -12.79
C GLU D 259 -38.12 -6.84 -12.12
N LYS D 260 -38.10 -6.80 -10.78
CA LYS D 260 -37.23 -5.85 -10.11
C LYS D 260 -36.30 -6.54 -9.13
N ILE D 261 -36.86 -7.17 -8.11
CA ILE D 261 -36.08 -7.84 -7.06
C ILE D 261 -35.20 -8.99 -7.50
N ILE D 262 -35.79 -9.96 -8.18
CA ILE D 262 -35.06 -11.14 -8.64
C ILE D 262 -33.93 -10.83 -9.65
N PRO D 263 -34.18 -9.98 -10.68
CA PRO D 263 -33.11 -9.61 -11.59
C PRO D 263 -31.98 -8.83 -10.90
N PHE D 264 -32.39 -8.01 -9.93
CA PHE D 264 -31.50 -7.17 -9.15
C PHE D 264 -30.52 -8.07 -8.40
N PHE D 265 -31.02 -9.08 -7.71
CA PHE D 265 -30.20 -9.94 -6.85
C PHE D 265 -29.53 -11.06 -7.66
N ASN D 266 -29.88 -11.15 -8.93
CA ASN D 266 -29.25 -12.08 -9.87
C ASN D 266 -27.89 -11.54 -10.28
N LYS D 267 -27.83 -10.21 -10.38
CA LYS D 267 -26.61 -9.51 -10.72
C LYS D 267 -25.83 -9.22 -9.45
N ASN D 268 -26.55 -8.93 -8.36
CA ASN D 268 -25.92 -8.67 -7.08
C ASN D 268 -26.16 -9.78 -6.08
N HIS D 269 -25.18 -10.68 -5.97
CA HIS D 269 -25.40 -11.98 -5.37
C HIS D 269 -25.52 -11.86 -3.85
N ILE D 270 -26.50 -12.58 -3.31
CA ILE D 270 -26.60 -12.81 -1.89
C ILE D 270 -25.44 -13.71 -1.48
N ILE D 271 -24.87 -13.46 -0.31
CA ILE D 271 -23.80 -14.32 0.18
C ILE D 271 -24.31 -15.09 1.39
N GLY D 272 -23.61 -16.17 1.71
CA GLY D 272 -23.93 -16.95 2.88
C GLY D 272 -25.05 -17.93 2.58
N VAL D 273 -25.48 -18.67 3.59
CA VAL D 273 -26.54 -19.67 3.44
C VAL D 273 -27.82 -19.12 2.81
N LYS D 274 -28.10 -17.84 3.05
CA LYS D 274 -29.31 -17.21 2.49
C LYS D 274 -29.35 -17.25 0.96
N LEU D 275 -28.19 -17.46 0.33
CA LEU D 275 -28.15 -17.58 -1.12
C LEU D 275 -28.93 -18.81 -1.55
N GLN D 276 -28.82 -19.87 -0.74
CA GLN D 276 -29.52 -21.11 -0.99
C GLN D 276 -31.01 -20.87 -0.77
N ASP D 277 -31.33 -20.05 0.24
CA ASP D 277 -32.70 -19.67 0.53
C ASP D 277 -33.26 -18.81 -0.59
N TYR D 278 -32.43 -17.92 -1.10
CA TYR D 278 -32.78 -17.07 -2.24
C TYR D 278 -33.15 -17.91 -3.45
N ARG D 279 -32.31 -18.91 -3.73
CA ARG D 279 -32.53 -19.78 -4.88
C ARG D 279 -33.87 -20.51 -4.79
N ASP D 280 -34.15 -21.10 -3.64
CA ASP D 280 -35.42 -21.77 -3.41
C ASP D 280 -36.59 -20.81 -3.54
N TRP D 281 -36.41 -19.63 -2.97
CA TRP D 281 -37.42 -18.57 -3.03
C TRP D 281 -37.68 -18.19 -4.48
N CYS D 282 -36.61 -18.07 -5.25
CA CYS D 282 -36.70 -17.82 -6.68
C CYS D 282 -37.51 -18.93 -7.37
N LYS D 283 -37.24 -20.16 -6.96
CA LYS D 283 -37.88 -21.33 -7.55
C LYS D 283 -39.38 -21.28 -7.25
N VAL D 284 -39.69 -20.93 -6.01
CA VAL D 284 -41.07 -20.82 -5.56
C VAL D 284 -41.80 -19.65 -6.23
N VAL D 285 -41.12 -18.53 -6.49
CA VAL D 285 -41.80 -17.43 -7.18
C VAL D 285 -42.25 -17.95 -8.52
N THR D 286 -41.41 -18.75 -9.16
CA THR D 286 -41.81 -19.44 -10.39
C THR D 286 -42.99 -20.32 -9.98
N LEU D 287 -43.45 -21.21 -10.85
CA LEU D 287 -44.55 -22.13 -10.52
C LEU D 287 -45.81 -21.34 -10.08
N ILE D 288 -45.63 -20.29 -9.28
CA ILE D 288 -46.71 -19.43 -8.84
C ILE D 288 -47.15 -18.74 -10.10
N ASP D 289 -46.13 -18.28 -10.81
CA ASP D 289 -46.24 -17.60 -12.09
C ASP D 289 -46.97 -18.51 -13.06
N ASN D 290 -46.79 -19.81 -12.87
CA ASN D 290 -47.44 -20.81 -13.71
C ASN D 290 -48.72 -21.29 -13.05
N LYS D 291 -49.18 -20.53 -12.07
CA LYS D 291 -50.49 -20.71 -11.43
C LYS D 291 -50.60 -22.05 -10.71
N GLU D 292 -49.47 -22.70 -10.47
CA GLU D 292 -49.47 -24.00 -9.82
C GLU D 292 -49.75 -23.92 -8.32
N HIS D 293 -49.63 -22.72 -7.74
CA HIS D 293 -49.96 -22.54 -6.34
C HIS D 293 -51.48 -22.64 -6.16
N LEU D 294 -52.19 -22.56 -7.28
CA LEU D 294 -53.65 -22.63 -7.31
C LEU D 294 -54.15 -24.06 -7.50
N THR D 295 -53.23 -25.03 -7.44
CA THR D 295 -53.63 -26.43 -7.52
C THR D 295 -53.25 -27.20 -6.28
N SER D 296 -54.01 -28.26 -6.01
CA SER D 296 -53.77 -29.14 -4.87
C SER D 296 -52.38 -29.75 -4.96
N GLU D 297 -52.05 -30.28 -6.13
CA GLU D 297 -50.76 -30.93 -6.36
C GLU D 297 -49.62 -29.93 -6.16
N GLY D 298 -49.76 -28.75 -6.74
CA GLY D 298 -48.77 -27.69 -6.63
C GLY D 298 -48.52 -27.11 -5.25
N LEU D 299 -49.57 -26.95 -4.46
CA LEU D 299 -49.45 -26.43 -3.09
C LEU D 299 -48.60 -27.30 -2.17
N GLU D 300 -48.76 -28.62 -2.28
CA GLU D 300 -47.92 -29.55 -1.53
C GLU D 300 -46.45 -29.41 -1.90
N LYS D 301 -46.18 -29.28 -3.19
CA LYS D 301 -44.84 -29.05 -3.70
C LYS D 301 -44.19 -27.84 -3.02
N ILE D 302 -44.89 -26.72 -3.04
CA ILE D 302 -44.37 -25.46 -2.49
C ILE D 302 -44.12 -25.57 -0.99
N GLN D 303 -45.10 -26.14 -0.28
CA GLN D 303 -44.95 -26.40 1.16
C GLN D 303 -43.68 -27.19 1.46
N LYS D 304 -43.40 -28.20 0.64
CA LYS D 304 -42.21 -29.02 0.83
C LYS D 304 -40.95 -28.17 0.69
N ILE D 305 -40.94 -27.29 -0.31
CA ILE D 305 -39.83 -26.39 -0.53
C ILE D 305 -39.71 -25.40 0.63
N LYS D 306 -40.85 -24.82 1.01
CA LYS D 306 -40.91 -23.87 2.12
C LYS D 306 -40.34 -24.50 3.39
N GLU D 307 -40.67 -25.78 3.62
CA GLU D 307 -40.22 -26.49 4.82
C GLU D 307 -38.71 -26.68 4.83
N GLY D 308 -38.09 -26.56 3.66
CA GLY D 308 -36.65 -26.72 3.55
C GLY D 308 -35.90 -25.41 3.47
N MET D 309 -36.59 -24.30 3.67
CA MET D 309 -35.96 -22.98 3.57
C MET D 309 -35.77 -22.37 4.94
N ASN D 310 -34.80 -21.45 5.04
CA ASN D 310 -34.63 -20.65 6.25
C ASN D 310 -34.52 -21.52 7.50
N ARG D 311 -35.42 -21.29 8.45
CA ARG D 311 -35.40 -22.00 9.72
C ARG D 311 -35.58 -23.50 9.54
N GLY D 312 -36.23 -23.93 8.45
CA GLY D 312 -36.43 -25.34 8.21
C GLY D 312 -35.24 -26.01 7.55
N ARG D 313 -34.23 -25.21 7.20
CA ARG D 313 -33.00 -25.71 6.59
C ARG D 313 -32.09 -26.42 7.57
N SER D 314 -31.58 -27.60 7.18
CA SER D 314 -30.77 -28.41 8.08
C SER D 314 -29.35 -27.87 8.14
#